data_8AP5
#
_entry.id   8AP5
#
loop_
_entity.id
_entity.type
_entity.pdbx_description
1 polymer Metallothionein-2
2 non-polymer 'CADMIUM ION'
#
_entity_poly.entity_id   1
_entity_poly.type   'polypeptide(L)'
_entity_poly.pdbx_seq_one_letter_code
;MVCKCDCKNQNCSCNTGTKDCDCSDAKCCEQYCCPTASEKKCCKSGCAGGCKCANCECAQAAH
;
_entity_poly.pdbx_strand_id   A
#
loop_
_chem_comp.id
_chem_comp.type
_chem_comp.name
_chem_comp.formula
CD non-polymer 'CADMIUM ION' 'Cd 2'
#
# COMPACT_ATOMS: atom_id res chain seq x y z
N MET A 1 -8.44 -7.37 8.28
CA MET A 1 -9.29 -6.61 9.19
C MET A 1 -8.47 -5.61 9.99
N VAL A 2 -8.31 -4.40 9.46
CA VAL A 2 -7.55 -3.36 10.14
C VAL A 2 -6.08 -3.73 10.23
N CYS A 3 -5.22 -2.72 10.20
CA CYS A 3 -3.78 -2.94 10.28
C CYS A 3 -3.24 -2.51 11.64
N LYS A 4 -4.03 -1.72 12.36
CA LYS A 4 -3.61 -1.25 13.66
C LYS A 4 -2.28 -0.52 13.54
N CYS A 5 -2.01 -0.02 12.34
CA CYS A 5 -0.78 0.70 12.06
C CYS A 5 0.43 -0.10 12.51
N ASP A 6 1.59 0.54 12.50
CA ASP A 6 2.81 -0.13 12.91
C ASP A 6 3.07 -1.32 11.98
N CYS A 7 3.00 -1.05 10.68
CA CYS A 7 3.22 -2.08 9.67
C CYS A 7 4.60 -1.95 9.05
N LYS A 8 4.84 -2.68 7.98
CA LYS A 8 6.12 -2.64 7.30
C LYS A 8 5.97 -1.88 5.99
N ASN A 9 5.11 -0.87 6.01
CA ASN A 9 4.86 -0.04 4.84
C ASN A 9 4.70 1.43 5.22
N GLN A 10 4.28 2.24 4.26
CA GLN A 10 4.08 3.66 4.50
C GLN A 10 2.69 4.11 4.07
N ASN A 11 2.28 5.28 4.53
CA ASN A 11 0.96 5.82 4.19
C ASN A 11 -0.10 4.72 4.23
N CYS A 12 -0.05 3.90 5.28
CA CYS A 12 -1.01 2.80 5.43
C CYS A 12 -1.85 3.00 6.69
N SER A 13 -2.66 4.06 6.70
CA SER A 13 -3.51 4.36 7.84
C SER A 13 -2.73 4.27 9.15
N CYS A 14 -1.95 5.31 9.44
CA CYS A 14 -1.15 5.34 10.65
C CYS A 14 -0.85 6.79 11.06
N ASN A 15 0.08 6.95 11.99
CA ASN A 15 0.47 8.27 12.47
C ASN A 15 1.36 8.98 11.46
N THR A 16 0.84 9.18 10.25
CA THR A 16 1.58 9.85 9.20
C THR A 16 0.66 10.26 8.05
N GLY A 17 -0.61 10.48 8.36
CA GLY A 17 -1.56 10.88 7.35
C GLY A 17 -2.99 10.83 7.85
N THR A 18 -3.70 9.76 7.51
CA THR A 18 -5.09 9.60 7.92
C THR A 18 -5.21 9.52 9.43
N LYS A 19 -6.40 9.19 9.92
CA LYS A 19 -6.62 9.09 11.35
C LYS A 19 -6.02 7.78 11.86
N ASP A 20 -6.85 6.73 11.83
CA ASP A 20 -6.41 5.43 12.28
C ASP A 20 -7.20 4.35 11.54
N CYS A 21 -6.47 3.48 10.86
CA CYS A 21 -7.07 2.39 10.10
C CYS A 21 -8.28 2.88 9.32
N ASP A 22 -8.05 3.77 8.36
CA ASP A 22 -9.13 4.31 7.56
C ASP A 22 -9.10 3.66 6.18
N CYS A 23 -7.91 3.22 5.78
CA CYS A 23 -7.72 2.58 4.49
C CYS A 23 -8.65 1.39 4.32
N SER A 24 -9.49 1.44 3.28
CA SER A 24 -10.43 0.37 3.01
C SER A 24 -11.30 0.09 4.25
N ASP A 25 -12.05 -1.00 4.20
CA ASP A 25 -12.90 -1.37 5.31
C ASP A 25 -12.96 -2.90 5.42
N ALA A 26 -11.81 -3.52 5.22
CA ALA A 26 -11.70 -4.97 5.29
C ALA A 26 -10.25 -5.41 5.47
N LYS A 27 -9.35 -4.78 4.73
CA LYS A 27 -7.94 -5.10 4.81
C LYS A 27 -7.11 -3.83 4.69
N CYS A 28 -5.84 -3.94 5.06
CA CYS A 28 -4.92 -2.81 5.00
C CYS A 28 -3.53 -3.23 5.46
N CYS A 29 -3.47 -4.15 6.40
CA CYS A 29 -2.20 -4.63 6.93
C CYS A 29 -1.53 -5.59 5.95
N GLU A 30 -1.33 -5.12 4.72
CA GLU A 30 -0.70 -5.96 3.70
C GLU A 30 0.74 -5.50 3.45
N GLN A 31 1.48 -6.36 2.77
CA GLN A 31 2.88 -6.06 2.46
C GLN A 31 3.02 -5.49 1.05
N TYR A 32 2.80 -4.18 0.93
CA TYR A 32 2.89 -3.51 -0.36
C TYR A 32 4.35 -3.28 -0.76
N CYS A 33 4.56 -2.89 -2.00
CA CYS A 33 5.91 -2.64 -2.51
C CYS A 33 6.17 -1.14 -2.64
N CYS A 34 5.22 -0.43 -3.23
CA CYS A 34 5.34 1.02 -3.42
C CYS A 34 4.28 1.76 -2.61
N PRO A 35 4.51 3.06 -2.40
CA PRO A 35 3.59 3.92 -1.65
C PRO A 35 2.28 4.17 -2.39
N THR A 36 2.27 3.82 -3.67
CA THR A 36 1.09 4.01 -4.50
C THR A 36 0.25 2.74 -4.57
N ALA A 37 0.58 1.78 -3.72
CA ALA A 37 -0.14 0.51 -3.68
C ALA A 37 -0.74 0.25 -2.30
N SER A 38 -0.30 1.03 -1.32
CA SER A 38 -0.79 0.89 0.05
C SER A 38 -2.31 1.01 0.09
N GLU A 39 -2.82 2.13 -0.41
CA GLU A 39 -4.25 2.36 -0.42
C GLU A 39 -4.72 2.77 -1.82
N LYS A 40 -3.96 2.32 -2.82
CA LYS A 40 -4.27 2.64 -4.20
C LYS A 40 -4.42 1.33 -4.99
N LYS A 41 -3.91 0.27 -4.41
CA LYS A 41 -3.97 -1.05 -5.04
C LYS A 41 -3.51 -0.93 -6.49
N CYS A 42 -2.59 0.01 -6.71
CA CYS A 42 -2.04 0.24 -8.04
C CYS A 42 -1.56 -1.06 -8.67
N CYS A 43 -1.19 -2.02 -7.82
CA CYS A 43 -0.71 -3.31 -8.28
C CYS A 43 -1.10 -4.43 -7.32
N LYS A 44 -0.99 -5.66 -7.79
CA LYS A 44 -1.35 -6.80 -6.96
C LYS A 44 -0.60 -6.72 -5.64
N SER A 45 -1.36 -6.85 -4.55
CA SER A 45 -0.79 -6.78 -3.21
C SER A 45 0.10 -8.00 -2.94
N GLY A 46 1.24 -7.77 -2.30
CA GLY A 46 2.15 -8.85 -1.99
C GLY A 46 3.56 -8.58 -2.46
N CYS A 47 3.69 -7.64 -3.40
CA CYS A 47 5.00 -7.27 -3.94
C CYS A 47 5.97 -6.90 -2.83
N ALA A 48 7.04 -7.66 -2.69
CA ALA A 48 8.04 -7.40 -1.66
C ALA A 48 9.17 -6.52 -2.20
N GLY A 49 8.80 -5.43 -2.86
CA GLY A 49 9.79 -4.54 -3.41
C GLY A 49 10.21 -4.93 -4.82
N GLY A 50 10.32 -3.94 -5.70
CA GLY A 50 10.72 -4.21 -7.07
C GLY A 50 9.91 -5.33 -7.69
N CYS A 51 8.64 -5.07 -7.96
CA CYS A 51 7.75 -6.06 -8.56
C CYS A 51 7.95 -6.12 -10.07
N LYS A 52 7.24 -5.28 -10.78
CA LYS A 52 7.34 -5.25 -12.24
C LYS A 52 6.33 -4.26 -12.81
N CYS A 53 5.17 -4.21 -12.16
CA CYS A 53 4.10 -3.31 -12.57
C CYS A 53 4.64 -1.92 -12.86
N ALA A 54 4.59 -1.51 -14.12
CA ALA A 54 5.06 -0.20 -14.52
C ALA A 54 3.97 0.85 -14.42
N ASN A 55 2.76 0.40 -14.09
CA ASN A 55 1.62 1.29 -13.96
C ASN A 55 1.64 2.02 -12.62
N CYS A 56 2.32 1.42 -11.65
CA CYS A 56 2.42 2.01 -10.32
C CYS A 56 3.63 2.95 -10.23
N GLU A 57 3.93 3.40 -9.02
CA GLU A 57 5.05 4.30 -8.81
C GLU A 57 6.36 3.58 -9.12
N CYS A 58 6.28 2.25 -9.17
CA CYS A 58 7.44 1.43 -9.45
C CYS A 58 8.02 1.76 -10.82
N ALA A 59 7.22 2.40 -11.66
CA ALA A 59 7.66 2.77 -13.00
C ALA A 59 6.56 3.53 -13.75
N GLN A 60 6.69 3.59 -15.07
CA GLN A 60 5.71 4.28 -15.89
C GLN A 60 5.59 3.63 -17.26
N ALA A 61 4.71 2.63 -17.37
CA ALA A 61 4.51 1.92 -18.62
C ALA A 61 3.44 0.85 -18.48
N ALA A 62 2.45 1.12 -17.64
CA ALA A 62 1.36 0.17 -17.42
C ALA A 62 1.89 -1.14 -16.86
N HIS A 63 0.97 -2.00 -16.43
CA HIS A 63 1.34 -3.30 -15.88
C HIS A 63 0.91 -4.43 -16.79
CD CD B . 6.47 -1.78 -6.96
CD CD C . 2.73 -0.59 -7.27
CD CD D . 3.43 -4.51 -7.95
N MET A 1 -10.77 -7.93 12.95
CA MET A 1 -11.25 -6.97 11.97
C MET A 1 -10.27 -5.83 11.79
N VAL A 2 -10.08 -5.39 10.54
CA VAL A 2 -9.17 -4.30 10.24
C VAL A 2 -7.73 -4.69 10.55
N CYS A 3 -6.78 -4.03 9.89
CA CYS A 3 -5.36 -4.31 10.10
C CYS A 3 -4.97 -4.03 11.55
N LYS A 4 -5.81 -3.29 12.25
CA LYS A 4 -5.53 -2.96 13.64
C LYS A 4 -4.21 -2.20 13.72
N CYS A 5 -3.85 -1.58 12.60
CA CYS A 5 -2.61 -0.81 12.51
C CYS A 5 -1.42 -1.62 13.04
N ASP A 6 -0.93 -2.52 12.21
CA ASP A 6 0.20 -3.35 12.60
C ASP A 6 0.47 -4.38 11.50
N CYS A 7 1.23 -3.93 10.49
CA CYS A 7 1.58 -4.79 9.37
C CYS A 7 2.97 -4.46 8.84
N LYS A 8 3.05 -3.48 7.96
CA LYS A 8 4.32 -3.07 7.40
C LYS A 8 4.10 -1.95 6.37
N ASN A 9 3.18 -1.05 6.72
CA ASN A 9 2.85 0.07 5.85
C ASN A 9 3.27 1.39 6.49
N GLN A 10 3.19 2.47 5.71
CA GLN A 10 3.57 3.79 6.20
C GLN A 10 2.62 4.86 5.65
N ASN A 11 2.36 5.88 6.45
CA ASN A 11 1.49 6.97 6.04
C ASN A 11 0.17 6.43 5.49
N CYS A 12 -0.40 5.44 6.17
CA CYS A 12 -1.65 4.84 5.75
C CYS A 12 -2.62 4.70 6.93
N SER A 13 -2.08 4.32 8.08
CA SER A 13 -2.89 4.15 9.28
C SER A 13 -2.02 4.08 10.52
N CYS A 14 -0.91 3.37 10.42
CA CYS A 14 0.02 3.21 11.54
C CYS A 14 0.41 4.58 12.10
N ASN A 15 0.64 5.54 11.21
CA ASN A 15 1.03 6.88 11.61
C ASN A 15 1.23 7.79 10.40
N THR A 16 1.66 9.02 10.64
CA THR A 16 1.89 9.98 9.57
C THR A 16 0.58 10.32 8.86
N GLY A 17 0.03 11.49 9.17
CA GLY A 17 -1.20 11.93 8.54
C GLY A 17 -2.33 10.93 8.77
N THR A 18 -2.36 10.33 9.95
CA THR A 18 -3.40 9.36 10.28
C THR A 18 -3.19 8.79 11.68
N LYS A 19 -4.28 8.58 12.40
CA LYS A 19 -4.21 8.04 13.74
C LYS A 19 -4.41 6.53 13.69
N ASP A 20 -5.67 6.12 13.71
CA ASP A 20 -6.01 4.72 13.67
C ASP A 20 -6.29 4.31 12.22
N CYS A 21 -6.71 3.05 12.07
CA CYS A 21 -7.01 2.51 10.75
C CYS A 21 -8.14 3.30 10.09
N ASP A 22 -7.78 4.26 9.26
CA ASP A 22 -8.77 5.08 8.57
C ASP A 22 -8.86 4.64 7.10
N CYS A 23 -8.62 3.34 6.89
CA CYS A 23 -8.68 2.78 5.55
C CYS A 23 -10.12 2.59 5.08
N SER A 24 -10.33 2.68 3.78
CA SER A 24 -11.66 2.53 3.21
C SER A 24 -11.64 1.57 2.02
N ASP A 25 -11.37 0.30 2.31
CA ASP A 25 -11.32 -0.70 1.27
C ASP A 25 -11.01 -2.06 1.89
N ALA A 26 -11.95 -2.54 2.70
CA ALA A 26 -11.79 -3.82 3.37
C ALA A 26 -10.46 -3.90 4.09
N LYS A 27 -10.42 -3.41 5.32
CA LYS A 27 -9.20 -3.44 6.10
C LYS A 27 -8.04 -2.97 5.24
N CYS A 28 -6.83 -3.26 5.72
CA CYS A 28 -5.61 -2.87 5.01
C CYS A 28 -4.37 -3.32 5.77
N CYS A 29 -3.98 -4.57 5.56
CA CYS A 29 -2.80 -5.13 6.23
C CYS A 29 -1.89 -5.83 5.23
N GLU A 30 -1.96 -5.41 3.97
CA GLU A 30 -1.14 -6.00 2.93
C GLU A 30 0.24 -5.32 2.89
N GLN A 31 1.16 -5.96 2.18
CA GLN A 31 2.52 -5.43 2.06
C GLN A 31 2.71 -4.77 0.69
N TYR A 32 2.67 -3.45 0.66
CA TYR A 32 2.84 -2.70 -0.57
C TYR A 32 4.30 -2.30 -0.76
N CYS A 33 4.64 -1.88 -1.97
CA CYS A 33 5.99 -1.46 -2.30
C CYS A 33 6.09 0.05 -2.41
N CYS A 34 5.16 0.64 -3.16
CA CYS A 34 5.15 2.08 -3.36
C CYS A 34 3.91 2.70 -2.71
N PRO A 35 3.95 4.03 -2.50
CA PRO A 35 2.86 4.77 -1.88
C PRO A 35 1.63 4.85 -2.78
N THR A 36 1.82 4.50 -4.06
CA THR A 36 0.73 4.54 -5.02
C THR A 36 0.00 3.20 -5.08
N ALA A 37 0.37 2.29 -4.18
CA ALA A 37 -0.26 0.98 -4.13
C ALA A 37 -0.90 0.73 -2.76
N SER A 38 -0.53 1.54 -1.78
CA SER A 38 -1.07 1.41 -0.43
C SER A 38 -2.55 1.77 -0.40
N GLU A 39 -2.97 2.59 -1.36
CA GLU A 39 -4.36 3.01 -1.43
C GLU A 39 -4.78 3.21 -2.88
N LYS A 40 -4.34 2.27 -3.72
CA LYS A 40 -4.67 2.34 -5.14
C LYS A 40 -4.66 0.93 -5.73
N LYS A 41 -3.65 0.17 -5.33
CA LYS A 41 -3.50 -1.20 -5.81
C LYS A 41 -3.03 -1.18 -7.26
N CYS A 42 -2.23 -0.18 -7.58
CA CYS A 42 -1.69 -0.02 -8.92
C CYS A 42 -1.05 -1.32 -9.41
N CYS A 43 -0.53 -2.11 -8.48
CA CYS A 43 0.11 -3.37 -8.82
C CYS A 43 -0.17 -4.42 -7.74
N LYS A 44 -0.09 -5.69 -8.12
CA LYS A 44 -0.34 -6.77 -7.18
C LYS A 44 0.53 -6.56 -5.95
N SER A 45 -0.12 -6.59 -4.79
CA SER A 45 0.57 -6.40 -3.52
C SER A 45 1.75 -7.36 -3.39
N GLY A 46 2.74 -6.96 -2.61
CA GLY A 46 3.93 -7.80 -2.42
C GLY A 46 4.72 -7.95 -3.70
N CYS A 47 5.08 -6.83 -4.31
CA CYS A 47 5.85 -6.85 -5.55
C CYS A 47 7.24 -7.41 -5.31
N ALA A 48 7.63 -7.52 -4.05
CA ALA A 48 8.94 -8.04 -3.68
C ALA A 48 10.05 -7.14 -4.22
N GLY A 49 9.68 -5.94 -4.65
CA GLY A 49 10.67 -5.01 -5.17
C GLY A 49 11.03 -5.31 -6.62
N GLY A 50 11.28 -4.27 -7.39
CA GLY A 50 11.64 -4.45 -8.79
C GLY A 50 10.43 -4.54 -9.70
N CYS A 51 9.35 -3.86 -9.31
CA CYS A 51 8.12 -3.87 -10.09
C CYS A 51 8.20 -2.86 -11.23
N LYS A 52 8.66 -1.65 -10.92
CA LYS A 52 8.78 -0.61 -11.93
C LYS A 52 7.59 -0.69 -12.88
N CYS A 53 6.40 -0.85 -12.29
CA CYS A 53 5.17 -0.94 -13.06
C CYS A 53 4.99 0.30 -13.94
N ALA A 54 3.88 0.33 -14.68
CA ALA A 54 3.59 1.45 -15.56
C ALA A 54 2.27 2.12 -15.18
N ASN A 55 1.84 1.91 -13.94
CA ASN A 55 0.60 2.49 -13.45
C ASN A 55 0.70 2.82 -11.95
N CYS A 56 1.93 3.00 -11.48
CA CYS A 56 2.17 3.32 -10.07
C CYS A 56 3.24 4.39 -9.93
N GLU A 57 3.78 4.51 -8.74
CA GLU A 57 4.82 5.50 -8.49
C GLU A 57 6.04 5.23 -9.37
N CYS A 58 6.45 3.97 -9.38
CA CYS A 58 7.61 3.55 -10.17
C CYS A 58 7.23 3.38 -11.63
N ALA A 59 6.72 4.45 -12.23
CA ALA A 59 6.32 4.42 -13.64
C ALA A 59 7.53 4.51 -14.55
N GLN A 60 8.00 3.36 -15.01
CA GLN A 60 9.16 3.31 -15.90
C GLN A 60 8.83 2.56 -17.19
N ALA A 61 8.71 1.23 -17.08
CA ALA A 61 8.39 0.41 -18.24
C ALA A 61 7.02 -0.25 -18.07
N ALA A 62 6.97 -1.29 -17.25
CA ALA A 62 5.72 -2.02 -17.00
C ALA A 62 5.92 -3.13 -15.99
N HIS A 63 4.92 -3.99 -15.86
CA HIS A 63 4.99 -5.11 -14.92
C HIS A 63 4.20 -6.31 -15.44
CD CD B . 6.79 -0.03 -6.94
CD CD C . 2.96 0.31 -7.64
CD CD D . 4.51 -2.96 -8.79
N MET A 1 -9.64 -7.36 4.90
CA MET A 1 -10.44 -6.96 6.05
C MET A 1 -9.54 -6.45 7.18
N VAL A 2 -8.84 -5.35 6.92
CA VAL A 2 -7.94 -4.76 7.90
C VAL A 2 -6.78 -5.70 8.23
N CYS A 3 -5.60 -5.11 8.39
CA CYS A 3 -4.40 -5.90 8.70
C CYS A 3 -3.80 -5.47 10.02
N LYS A 4 -4.45 -5.85 11.11
CA LYS A 4 -3.97 -5.49 12.44
C LYS A 4 -2.46 -5.71 12.50
N CYS A 5 -1.72 -4.61 12.53
CA CYS A 5 -0.26 -4.68 12.60
C CYS A 5 0.30 -3.44 13.31
N ASP A 6 1.61 -3.28 13.23
CA ASP A 6 2.26 -2.14 13.88
C ASP A 6 2.49 -1.04 12.84
N CYS A 7 1.59 -0.98 11.87
CA CYS A 7 1.68 0.01 10.81
C CYS A 7 3.04 -0.05 10.10
N LYS A 8 3.19 -1.01 9.20
CA LYS A 8 4.43 -1.17 8.48
C LYS A 8 4.58 -0.02 7.47
N ASN A 9 3.73 -0.05 6.46
CA ASN A 9 3.73 0.96 5.42
C ASN A 9 3.46 2.34 6.01
N GLN A 10 3.22 3.32 5.13
CA GLN A 10 2.95 4.68 5.56
C GLN A 10 1.92 5.34 4.65
N ASN A 11 1.10 6.21 5.22
CA ASN A 11 0.07 6.90 4.45
C ASN A 11 -0.73 5.93 3.60
N CYS A 12 -1.18 4.85 4.22
CA CYS A 12 -1.96 3.83 3.51
C CYS A 12 -3.45 4.14 3.60
N SER A 13 -4.00 4.01 4.80
CA SER A 13 -5.42 4.27 5.03
C SER A 13 -5.68 4.67 6.48
N CYS A 14 -4.64 5.15 7.14
CA CYS A 14 -4.75 5.57 8.53
C CYS A 14 -4.49 7.07 8.68
N ASN A 15 -4.60 7.79 7.57
CA ASN A 15 -4.38 9.23 7.57
C ASN A 15 -3.04 9.56 8.21
N THR A 16 -2.80 10.85 8.45
CA THR A 16 -1.55 11.30 9.06
C THR A 16 -1.25 10.53 10.33
N GLY A 17 -2.24 10.43 11.21
CA GLY A 17 -2.05 9.71 12.46
C GLY A 17 -2.26 8.22 12.30
N THR A 18 -1.20 7.51 11.96
CA THR A 18 -1.27 6.06 11.77
C THR A 18 -0.52 5.32 12.89
N LYS A 19 -1.20 5.09 13.99
CA LYS A 19 -0.60 4.39 15.11
C LYS A 19 -0.79 2.88 14.95
N ASP A 20 -2.06 2.49 14.82
CA ASP A 20 -2.40 1.09 14.66
C ASP A 20 -3.47 0.96 13.58
N CYS A 21 -4.03 -0.25 13.49
CA CYS A 21 -5.06 -0.54 12.50
C CYS A 21 -6.41 0.05 12.93
N ASP A 22 -6.60 1.33 12.64
CA ASP A 22 -7.84 1.99 13.00
C ASP A 22 -8.67 2.27 11.74
N CYS A 23 -7.99 2.15 10.60
CA CYS A 23 -8.63 2.38 9.31
C CYS A 23 -9.92 1.59 9.19
N SER A 24 -10.72 1.90 8.18
CA SER A 24 -11.99 1.22 7.96
C SER A 24 -11.91 0.29 6.75
N ASP A 25 -13.06 -0.11 6.24
CA ASP A 25 -13.11 -1.00 5.09
C ASP A 25 -12.25 -0.41 3.97
N ALA A 26 -12.00 -1.24 2.96
CA ALA A 26 -11.20 -0.83 1.81
C ALA A 26 -9.79 -0.41 2.26
N LYS A 27 -8.85 -1.33 2.15
CA LYS A 27 -7.48 -1.04 2.54
C LYS A 27 -7.41 -0.87 4.05
N CYS A 28 -6.19 -0.64 4.54
CA CYS A 28 -5.95 -0.47 5.96
C CYS A 28 -4.48 -0.15 6.24
N CYS A 29 -3.63 -1.15 6.06
CA CYS A 29 -2.20 -0.99 6.28
C CYS A 29 -1.41 -2.15 5.69
N GLU A 30 -1.94 -2.72 4.62
CA GLU A 30 -1.29 -3.85 3.98
C GLU A 30 0.18 -3.52 3.69
N GLN A 31 0.93 -4.55 3.34
CA GLN A 31 2.35 -4.40 3.03
C GLN A 31 2.56 -4.03 1.57
N TYR A 32 2.30 -2.77 1.24
CA TYR A 32 2.46 -2.29 -0.13
C TYR A 32 3.93 -2.11 -0.47
N CYS A 33 4.21 -1.90 -1.76
CA CYS A 33 5.58 -1.70 -2.22
C CYS A 33 5.84 -0.23 -2.56
N CYS A 34 4.92 0.36 -3.32
CA CYS A 34 5.05 1.76 -3.71
C CYS A 34 3.98 2.62 -3.04
N PRO A 35 4.22 3.93 -2.98
CA PRO A 35 3.30 4.89 -2.37
C PRO A 35 2.02 5.05 -3.18
N THR A 36 2.06 4.61 -4.44
CA THR A 36 0.91 4.71 -5.33
C THR A 36 0.04 3.47 -5.25
N ALA A 37 0.34 2.61 -4.28
CA ALA A 37 -0.43 1.38 -4.09
C ALA A 37 -1.05 1.32 -2.71
N SER A 38 -0.55 2.17 -1.81
CA SER A 38 -1.07 2.21 -0.45
C SER A 38 -2.54 2.60 -0.43
N GLU A 39 -2.92 3.52 -1.30
CA GLU A 39 -4.30 3.97 -1.37
C GLU A 39 -4.75 4.07 -2.83
N LYS A 40 -4.37 3.07 -3.61
CA LYS A 40 -4.71 3.04 -5.02
C LYS A 40 -4.89 1.59 -5.46
N LYS A 41 -3.96 0.76 -5.03
CA LYS A 41 -3.99 -0.66 -5.37
C LYS A 41 -3.58 -0.82 -6.84
N CYS A 42 -2.68 0.05 -7.28
CA CYS A 42 -2.19 0.02 -8.65
C CYS A 42 -1.75 -1.39 -9.04
N CYS A 43 -1.25 -2.14 -8.06
CA CYS A 43 -0.80 -3.51 -8.30
C CYS A 43 -1.24 -4.43 -7.18
N LYS A 44 -1.23 -5.73 -7.45
CA LYS A 44 -1.62 -6.71 -6.46
C LYS A 44 -0.82 -6.49 -5.17
N SER A 45 -1.54 -6.36 -4.06
CA SER A 45 -0.92 -6.14 -2.77
C SER A 45 0.01 -7.29 -2.41
N GLY A 46 1.06 -6.98 -1.66
CA GLY A 46 2.02 -7.99 -1.26
C GLY A 46 3.44 -7.62 -1.64
N CYS A 47 3.59 -6.86 -2.72
CA CYS A 47 4.91 -6.45 -3.18
C CYS A 47 5.71 -5.81 -2.04
N ALA A 48 6.91 -6.32 -1.81
CA ALA A 48 7.78 -5.80 -0.76
C ALA A 48 8.98 -5.07 -1.35
N GLY A 49 8.72 -4.21 -2.33
CA GLY A 49 9.81 -3.47 -2.96
C GLY A 49 10.24 -4.08 -4.27
N GLY A 50 10.37 -3.25 -5.30
CA GLY A 50 10.77 -3.73 -6.61
C GLY A 50 9.98 -4.94 -7.05
N CYS A 51 8.70 -4.73 -7.35
CA CYS A 51 7.83 -5.82 -7.79
C CYS A 51 8.08 -6.16 -9.25
N LYS A 52 7.34 -5.50 -10.14
CA LYS A 52 7.49 -5.75 -11.57
C LYS A 52 6.50 -4.88 -12.34
N CYS A 53 5.30 -4.75 -11.76
CA CYS A 53 4.25 -3.95 -12.37
C CYS A 53 4.78 -2.57 -12.77
N ALA A 54 4.65 -2.23 -14.04
CA ALA A 54 5.11 -0.95 -14.54
C ALA A 54 3.98 0.08 -14.54
N ASN A 55 3.11 -0.01 -13.53
CA ASN A 55 1.99 0.91 -13.41
C ASN A 55 1.99 1.61 -12.06
N CYS A 56 2.97 1.26 -11.22
CA CYS A 56 3.09 1.85 -9.90
C CYS A 56 4.05 3.03 -9.91
N GLU A 57 4.44 3.49 -8.72
CA GLU A 57 5.36 4.61 -8.62
C GLU A 57 6.69 4.27 -9.28
N CYS A 58 6.93 2.97 -9.43
CA CYS A 58 8.17 2.48 -10.03
C CYS A 58 8.12 2.63 -11.56
N ALA A 59 6.98 3.07 -12.07
CA ALA A 59 6.80 3.27 -13.51
C ALA A 59 5.75 4.34 -13.79
N GLN A 60 5.42 4.51 -15.06
CA GLN A 60 4.44 5.50 -15.48
C GLN A 60 3.07 4.86 -15.70
N ALA A 61 3.08 3.71 -16.36
CA ALA A 61 1.83 2.99 -16.65
C ALA A 61 2.10 1.71 -17.42
N ALA A 62 1.32 0.67 -17.13
CA ALA A 62 1.48 -0.61 -17.80
C ALA A 62 0.42 -1.61 -17.32
N HIS A 63 0.63 -2.16 -16.13
CA HIS A 63 -0.31 -3.13 -15.57
C HIS A 63 -1.73 -2.59 -15.59
CD CD B . 6.38 -1.28 -6.71
CD CD C . 2.51 -0.83 -7.21
CD CD D . 3.60 -4.48 -7.71
N MET A 1 -11.47 -7.79 8.27
CA MET A 1 -10.39 -7.12 7.56
C MET A 1 -9.63 -6.17 8.48
N VAL A 2 -8.56 -5.57 7.96
CA VAL A 2 -7.76 -4.63 8.74
C VAL A 2 -7.04 -5.35 9.87
N CYS A 3 -5.78 -4.98 10.11
CA CYS A 3 -4.99 -5.59 11.17
C CYS A 3 -4.74 -4.59 12.29
N LYS A 4 -4.98 -3.32 12.02
CA LYS A 4 -4.76 -2.28 13.02
C LYS A 4 -3.36 -2.43 13.61
N CYS A 5 -2.39 -2.59 12.72
CA CYS A 5 -0.99 -2.73 13.12
C CYS A 5 -0.07 -1.94 12.20
N ASP A 6 1.17 -1.76 12.63
CA ASP A 6 2.13 -1.02 11.84
C ASP A 6 2.60 -1.87 10.67
N CYS A 7 3.40 -1.26 9.81
CA CYS A 7 3.93 -1.95 8.62
C CYS A 7 4.82 -1.02 7.81
N LYS A 8 5.33 -1.52 6.69
CA LYS A 8 6.20 -0.73 5.84
C LYS A 8 5.34 0.06 4.83
N ASN A 9 4.40 0.82 5.37
CA ASN A 9 3.50 1.63 4.54
C ASN A 9 3.57 3.09 4.94
N GLN A 10 2.64 3.89 4.40
CA GLN A 10 2.59 5.32 4.71
C GLN A 10 1.17 5.76 5.00
N ASN A 11 1.03 6.95 5.59
CA ASN A 11 -0.29 7.48 5.93
C ASN A 11 -1.03 6.54 6.88
N CYS A 12 -0.32 6.05 7.88
CA CYS A 12 -0.91 5.14 8.86
C CYS A 12 0.02 4.93 10.04
N SER A 13 0.92 3.95 9.92
CA SER A 13 1.87 3.64 10.98
C SER A 13 1.15 3.43 12.30
N CYS A 14 -0.14 3.17 12.24
CA CYS A 14 -0.94 2.95 13.43
C CYS A 14 -0.59 3.96 14.52
N ASN A 15 -0.48 5.23 14.14
CA ASN A 15 -0.14 6.28 15.08
C ASN A 15 -0.08 7.63 14.38
N THR A 16 1.06 7.93 13.77
CA THR A 16 1.25 9.19 13.07
C THR A 16 0.16 9.41 12.03
N GLY A 17 -0.14 8.37 11.27
CA GLY A 17 -1.16 8.47 10.25
C GLY A 17 -2.57 8.43 10.83
N THR A 18 -3.52 8.00 10.01
CA THR A 18 -4.91 7.93 10.46
C THR A 18 -5.03 7.20 11.78
N LYS A 19 -6.19 7.31 12.42
CA LYS A 19 -6.42 6.66 13.69
C LYS A 19 -6.03 5.19 13.58
N ASP A 20 -6.95 4.40 13.05
CA ASP A 20 -6.70 2.97 12.90
C ASP A 20 -6.13 2.72 11.50
N CYS A 21 -5.99 1.44 11.17
CA CYS A 21 -5.46 1.03 9.87
C CYS A 21 -6.40 1.42 8.74
N ASP A 22 -6.25 2.63 8.24
CA ASP A 22 -7.10 3.12 7.17
C ASP A 22 -6.26 3.27 5.90
N CYS A 23 -5.50 2.23 5.59
CA CYS A 23 -4.65 2.24 4.41
C CYS A 23 -5.29 1.47 3.26
N SER A 24 -5.56 2.15 2.16
CA SER A 24 -6.19 1.54 1.00
C SER A 24 -7.44 0.77 1.40
N ASP A 25 -7.94 -0.04 0.49
CA ASP A 25 -9.14 -0.82 0.76
C ASP A 25 -8.74 -2.25 1.14
N ALA A 26 -9.75 -3.10 1.32
CA ALA A 26 -9.53 -4.49 1.68
C ALA A 26 -8.63 -4.60 2.91
N LYS A 27 -8.09 -5.80 3.12
CA LYS A 27 -7.21 -6.03 4.26
C LYS A 27 -6.12 -4.95 4.28
N CYS A 28 -5.85 -4.44 5.47
CA CYS A 28 -4.83 -3.41 5.66
C CYS A 28 -3.44 -4.03 5.73
N CYS A 29 -2.47 -3.22 6.16
CA CYS A 29 -1.09 -3.68 6.28
C CYS A 29 -0.63 -4.35 4.98
N GLU A 30 -0.88 -3.69 3.86
CA GLU A 30 -0.49 -4.23 2.57
C GLU A 30 0.89 -3.68 2.16
N GLN A 31 1.47 -4.33 1.16
CA GLN A 31 2.79 -3.93 0.67
C GLN A 31 2.65 -3.08 -0.59
N TYR A 32 2.05 -1.90 -0.44
CA TYR A 32 1.85 -0.99 -1.56
C TYR A 32 3.16 -0.76 -2.32
N CYS A 33 4.26 -0.67 -1.57
CA CYS A 33 5.57 -0.46 -2.18
C CYS A 33 5.70 0.97 -2.72
N CYS A 34 4.81 1.32 -3.64
CA CYS A 34 4.82 2.64 -4.25
C CYS A 34 3.77 3.54 -3.61
N PRO A 35 3.99 4.86 -3.69
CA PRO A 35 3.07 5.85 -3.12
C PRO A 35 1.76 5.93 -3.89
N THR A 36 1.78 5.46 -5.13
CA THR A 36 0.59 5.48 -5.97
C THR A 36 -0.29 4.26 -5.72
N ALA A 37 0.10 3.47 -4.72
CA ALA A 37 -0.66 2.26 -4.38
C ALA A 37 -1.18 2.34 -2.95
N SER A 38 -0.75 3.36 -2.21
CA SER A 38 -1.16 3.55 -0.83
C SER A 38 -2.69 3.66 -0.74
N GLU A 39 -3.28 4.35 -1.70
CA GLU A 39 -4.72 4.53 -1.72
C GLU A 39 -5.23 4.60 -3.16
N LYS A 40 -4.72 3.69 -3.98
CA LYS A 40 -5.12 3.63 -5.37
C LYS A 40 -5.25 2.17 -5.80
N LYS A 41 -4.30 1.37 -5.37
CA LYS A 41 -4.30 -0.05 -5.69
C LYS A 41 -3.89 -0.23 -7.16
N CYS A 42 -2.97 0.63 -7.59
CA CYS A 42 -2.47 0.58 -8.96
C CYS A 42 -2.10 -0.84 -9.36
N CYS A 43 -1.65 -1.62 -8.38
CA CYS A 43 -1.25 -3.00 -8.63
C CYS A 43 -1.56 -3.89 -7.43
N LYS A 44 -1.65 -5.19 -7.66
CA LYS A 44 -1.93 -6.13 -6.59
C LYS A 44 -0.89 -5.96 -5.48
N SER A 45 -1.40 -5.69 -4.28
CA SER A 45 -0.55 -5.49 -3.11
C SER A 45 0.43 -6.67 -2.95
N GLY A 46 1.61 -6.38 -2.44
CA GLY A 46 2.61 -7.42 -2.24
C GLY A 46 3.83 -7.22 -3.12
N CYS A 47 3.82 -6.17 -3.93
CA CYS A 47 4.93 -5.88 -4.82
C CYS A 47 6.02 -5.11 -4.09
N ALA A 48 6.50 -5.67 -2.99
CA ALA A 48 7.56 -5.04 -2.19
C ALA A 48 8.93 -5.33 -2.78
N GLY A 49 9.11 -4.99 -4.05
CA GLY A 49 10.39 -5.22 -4.71
C GLY A 49 10.22 -5.66 -6.15
N GLY A 50 9.50 -6.74 -6.37
CA GLY A 50 9.29 -7.25 -7.72
C GLY A 50 8.04 -6.66 -8.36
N CYS A 51 7.86 -5.35 -8.22
CA CYS A 51 6.70 -4.67 -8.78
C CYS A 51 6.65 -4.86 -10.30
N LYS A 52 7.75 -4.53 -10.96
CA LYS A 52 7.81 -4.67 -12.41
C LYS A 52 6.50 -4.21 -13.01
N CYS A 53 6.01 -3.07 -12.54
CA CYS A 53 4.77 -2.50 -13.02
C CYS A 53 5.02 -1.22 -13.80
N ALA A 54 4.29 -1.05 -14.90
CA ALA A 54 4.44 0.13 -15.74
C ALA A 54 3.19 1.01 -15.68
N ASN A 55 2.38 0.80 -14.65
CA ASN A 55 1.15 1.58 -14.47
C ASN A 55 1.17 2.35 -13.17
N CYS A 56 2.09 1.98 -12.28
CA CYS A 56 2.21 2.63 -10.98
C CYS A 56 3.39 3.61 -10.99
N GLU A 57 3.79 4.04 -9.81
CA GLU A 57 4.91 4.98 -9.68
C GLU A 57 6.16 4.38 -10.32
N CYS A 58 6.29 3.07 -10.19
CA CYS A 58 7.44 2.36 -10.73
C CYS A 58 7.68 2.74 -12.19
N ALA A 59 6.70 2.45 -13.04
CA ALA A 59 6.80 2.78 -14.46
C ALA A 59 7.91 1.97 -15.12
N GLN A 60 7.78 0.65 -15.08
CA GLN A 60 8.78 -0.24 -15.68
C GLN A 60 8.24 -0.88 -16.94
N ALA A 61 7.37 -1.89 -16.77
CA ALA A 61 6.79 -2.59 -17.90
C ALA A 61 5.78 -3.63 -17.43
N ALA A 62 4.67 -3.76 -18.17
CA ALA A 62 3.63 -4.71 -17.82
C ALA A 62 3.16 -4.52 -16.39
N HIS A 63 2.40 -5.49 -15.89
CA HIS A 63 1.88 -5.43 -14.53
C HIS A 63 3.02 -5.36 -13.52
CD CD B . 6.02 -0.29 -7.09
CD CD C . 2.33 -0.03 -8.00
CD CD D . 3.14 -3.90 -8.50
N MET A 1 -12.19 -6.00 8.53
CA MET A 1 -12.59 -4.81 9.27
C MET A 1 -11.41 -4.22 10.04
N VAL A 2 -10.36 -3.85 9.31
CA VAL A 2 -9.16 -3.28 9.93
C VAL A 2 -8.47 -4.30 10.83
N CYS A 3 -7.15 -4.19 10.92
CA CYS A 3 -6.36 -5.10 11.75
C CYS A 3 -5.68 -4.34 12.88
N LYS A 4 -5.58 -3.03 12.74
CA LYS A 4 -4.95 -2.21 13.75
C LYS A 4 -3.59 -2.82 14.12
N CYS A 5 -2.57 -2.46 13.35
CA CYS A 5 -1.22 -2.96 13.58
C CYS A 5 -0.19 -1.99 13.02
N ASP A 6 0.06 -2.08 11.73
CA ASP A 6 1.04 -1.21 11.09
C ASP A 6 1.20 -1.62 9.63
N CYS A 7 1.15 -2.94 9.41
CA CYS A 7 1.29 -3.49 8.06
C CYS A 7 2.72 -3.31 7.55
N LYS A 8 3.58 -2.75 8.39
CA LYS A 8 4.97 -2.53 8.02
C LYS A 8 5.01 -1.96 6.60
N ASN A 9 4.67 -0.68 6.50
CA ASN A 9 4.66 0.01 5.22
C ASN A 9 4.54 1.53 5.41
N GLN A 10 4.30 2.24 4.32
CA GLN A 10 4.18 3.69 4.37
C GLN A 10 2.90 4.15 3.66
N ASN A 11 2.31 5.23 4.16
CA ASN A 11 1.09 5.78 3.57
C ASN A 11 0.11 4.65 3.23
N CYS A 12 -0.05 3.71 4.15
CA CYS A 12 -0.96 2.58 3.96
C CYS A 12 -1.98 2.50 5.08
N SER A 13 -1.51 2.67 6.31
CA SER A 13 -2.39 2.61 7.48
C SER A 13 -1.59 2.82 8.76
N CYS A 14 -2.28 3.26 9.81
CA CYS A 14 -1.64 3.50 11.09
C CYS A 14 -0.57 4.57 10.97
N ASN A 15 -0.88 5.78 11.45
CA ASN A 15 0.05 6.90 11.39
C ASN A 15 0.37 7.27 9.95
N THR A 16 1.41 8.08 9.76
CA THR A 16 1.82 8.51 8.43
C THR A 16 0.61 8.85 7.57
N GLY A 17 -0.38 9.49 8.18
CA GLY A 17 -1.58 9.87 7.44
C GLY A 17 -2.83 9.26 8.04
N THR A 18 -3.46 8.37 7.28
CA THR A 18 -4.68 7.71 7.74
C THR A 18 -4.51 7.12 9.13
N LYS A 19 -5.14 7.73 10.12
CA LYS A 19 -5.03 7.25 11.48
C LYS A 19 -5.33 5.74 11.51
N ASP A 20 -6.62 5.43 11.49
CA ASP A 20 -7.05 4.04 11.51
C ASP A 20 -6.91 3.44 10.11
N CYS A 21 -6.55 2.16 10.07
CA CYS A 21 -6.38 1.46 8.81
C CYS A 21 -7.58 1.68 7.89
N ASP A 22 -7.31 2.23 6.72
CA ASP A 22 -8.37 2.50 5.75
C ASP A 22 -8.50 1.32 4.80
N CYS A 23 -8.35 0.12 5.37
CA CYS A 23 -8.45 -1.11 4.58
C CYS A 23 -9.77 -1.17 3.81
N SER A 24 -9.92 -2.20 2.99
CA SER A 24 -11.13 -2.37 2.20
C SER A 24 -12.31 -2.76 3.08
N ASP A 25 -12.30 -3.99 3.56
CA ASP A 25 -13.37 -4.46 4.43
C ASP A 25 -13.11 -5.92 4.81
N ALA A 26 -11.84 -6.20 5.12
CA ALA A 26 -11.44 -7.54 5.51
C ALA A 26 -10.04 -7.54 6.11
N LYS A 27 -9.65 -6.42 6.70
CA LYS A 27 -8.35 -6.29 7.31
C LYS A 27 -7.27 -6.36 6.22
N CYS A 28 -6.60 -5.24 6.02
CA CYS A 28 -5.55 -5.14 5.01
C CYS A 28 -4.24 -5.73 5.54
N CYS A 29 -3.54 -4.96 6.36
CA CYS A 29 -2.27 -5.41 6.92
C CYS A 29 -1.36 -5.97 5.84
N GLU A 30 -1.02 -5.14 4.88
CA GLU A 30 -0.16 -5.57 3.78
C GLU A 30 1.05 -4.64 3.68
N GLN A 31 2.06 -5.12 2.94
CA GLN A 31 3.28 -4.35 2.74
C GLN A 31 3.53 -4.09 1.26
N TYR A 32 3.20 -2.89 0.80
CA TYR A 32 3.39 -2.53 -0.59
C TYR A 32 4.83 -2.14 -0.87
N CYS A 33 5.13 -1.88 -2.14
CA CYS A 33 6.48 -1.50 -2.54
C CYS A 33 6.55 -0.04 -2.94
N CYS A 34 5.58 0.40 -3.73
CA CYS A 34 5.52 1.79 -4.19
C CYS A 34 4.30 2.49 -3.62
N PRO A 35 4.32 3.83 -3.66
CA PRO A 35 3.22 4.66 -3.15
C PRO A 35 1.98 4.56 -4.02
N THR A 36 2.14 4.03 -5.23
CA THR A 36 1.04 3.89 -6.17
C THR A 36 0.33 2.55 -5.97
N ALA A 37 0.65 1.87 -4.87
CA ALA A 37 0.04 0.58 -4.56
C ALA A 37 -0.64 0.61 -3.19
N SER A 38 -0.08 1.40 -2.28
CA SER A 38 -0.64 1.51 -0.94
C SER A 38 -2.03 2.13 -0.97
N GLU A 39 -2.31 2.89 -2.01
CA GLU A 39 -3.60 3.53 -2.15
C GLU A 39 -3.92 3.80 -3.63
N LYS A 40 -3.70 2.77 -4.43
CA LYS A 40 -3.95 2.87 -5.86
C LYS A 40 -4.13 1.47 -6.45
N LYS A 41 -3.29 0.56 -5.98
CA LYS A 41 -3.32 -0.82 -6.45
C LYS A 41 -2.75 -0.89 -7.86
N CYS A 42 -1.78 -0.02 -8.12
CA CYS A 42 -1.13 0.04 -9.42
C CYS A 42 -0.64 -1.35 -9.85
N CYS A 43 -0.30 -2.18 -8.88
CA CYS A 43 0.18 -3.53 -9.16
C CYS A 43 -0.23 -4.49 -8.05
N LYS A 44 -0.17 -5.78 -8.34
CA LYS A 44 -0.55 -6.79 -7.37
C LYS A 44 0.35 -6.65 -6.13
N SER A 45 -0.28 -6.73 -4.96
CA SER A 45 0.43 -6.63 -3.70
C SER A 45 1.44 -7.75 -3.55
N GLY A 46 2.57 -7.45 -2.89
CA GLY A 46 3.59 -8.45 -2.69
C GLY A 46 4.80 -8.23 -3.58
N CYS A 47 4.86 -7.07 -4.22
CA CYS A 47 5.97 -6.74 -5.11
C CYS A 47 7.06 -5.99 -4.35
N ALA A 48 7.37 -6.47 -3.16
CA ALA A 48 8.41 -5.85 -2.34
C ALA A 48 9.80 -6.28 -2.79
N GLY A 49 10.10 -6.03 -4.07
CA GLY A 49 11.40 -6.40 -4.60
C GLY A 49 11.37 -6.66 -6.09
N GLY A 50 10.57 -7.64 -6.50
CA GLY A 50 10.47 -7.98 -7.90
C GLY A 50 9.16 -7.51 -8.51
N CYS A 51 8.97 -6.20 -8.58
CA CYS A 51 7.75 -5.63 -9.13
C CYS A 51 7.45 -6.22 -10.51
N LYS A 52 8.33 -5.97 -11.46
CA LYS A 52 8.15 -6.48 -12.80
C LYS A 52 7.04 -5.68 -13.50
N CYS A 53 6.60 -4.64 -12.82
CA CYS A 53 5.53 -3.78 -13.34
C CYS A 53 6.10 -2.43 -13.78
N ALA A 54 6.11 -2.19 -15.09
CA ALA A 54 6.62 -0.94 -15.63
C ALA A 54 5.48 0.07 -15.84
N ASN A 55 4.52 0.08 -14.92
CA ASN A 55 3.38 0.99 -15.01
C ASN A 55 3.21 1.77 -13.71
N CYS A 56 3.48 1.10 -12.59
CA CYS A 56 3.35 1.73 -11.28
C CYS A 56 4.37 2.84 -11.11
N GLU A 57 4.53 3.31 -9.88
CA GLU A 57 5.47 4.37 -9.59
C GLU A 57 6.87 3.99 -10.09
N CYS A 58 7.11 2.69 -10.12
CA CYS A 58 8.40 2.15 -10.56
C CYS A 58 8.69 2.59 -12.00
N ALA A 59 7.64 2.99 -12.72
CA ALA A 59 7.79 3.43 -14.10
C ALA A 59 6.72 4.44 -14.48
N GLN A 60 6.54 4.67 -15.77
CA GLN A 60 5.54 5.61 -16.26
C GLN A 60 4.63 4.95 -17.28
N ALA A 61 3.65 4.20 -16.81
CA ALA A 61 2.71 3.52 -17.69
C ALA A 61 1.50 3.02 -16.91
N ALA A 62 0.70 2.17 -17.55
CA ALA A 62 -0.49 1.61 -16.91
C ALA A 62 -0.50 0.09 -17.01
N HIS A 63 -0.79 -0.56 -15.89
CA HIS A 63 -0.82 -2.02 -15.83
C HIS A 63 -1.96 -2.56 -16.70
CD CD B . 7.37 -1.19 -6.91
CD CD C . 3.60 -0.71 -8.13
CD CD D . 4.49 -4.50 -8.52
N MET A 1 -7.24 -8.65 7.28
CA MET A 1 -7.93 -8.66 8.56
C MET A 1 -7.22 -7.75 9.56
N VAL A 2 -7.80 -6.58 9.82
CA VAL A 2 -7.21 -5.63 10.75
C VAL A 2 -5.88 -5.10 10.24
N CYS A 3 -5.57 -3.85 10.57
CA CYS A 3 -4.33 -3.23 10.14
C CYS A 3 -3.58 -2.63 11.33
N LYS A 4 -2.30 -2.37 11.14
CA LYS A 4 -1.49 -1.79 12.20
C LYS A 4 -0.66 -0.64 11.64
N CYS A 5 -1.18 0.56 11.81
CA CYS A 5 -0.51 1.77 11.33
C CYS A 5 0.99 1.71 11.60
N ASP A 6 1.77 2.38 10.76
CA ASP A 6 3.21 2.39 10.93
C ASP A 6 3.75 0.98 10.67
N CYS A 7 3.25 0.36 9.60
CA CYS A 7 3.67 -0.98 9.23
C CYS A 7 4.92 -0.95 8.37
N LYS A 8 4.77 -0.48 7.14
CA LYS A 8 5.90 -0.40 6.23
C LYS A 8 5.62 0.67 5.17
N ASN A 9 4.88 0.26 4.14
CA ASN A 9 4.53 1.16 3.04
C ASN A 9 3.02 1.11 2.77
N GLN A 10 2.25 1.53 3.76
CA GLN A 10 0.79 1.54 3.62
C GLN A 10 0.17 2.57 4.56
N ASN A 11 -0.94 3.17 4.12
CA ASN A 11 -1.64 4.17 4.92
C ASN A 11 -3.01 4.48 4.33
N CYS A 12 -3.72 3.43 3.94
CA CYS A 12 -5.06 3.58 3.37
C CYS A 12 -5.98 4.29 4.33
N SER A 13 -6.14 5.60 4.14
CA SER A 13 -7.00 6.41 5.00
C SER A 13 -6.52 6.36 6.44
N CYS A 14 -5.26 5.97 6.63
CA CYS A 14 -4.67 5.89 7.96
C CYS A 14 -3.25 6.43 7.96
N ASN A 15 -2.51 6.16 9.04
CA ASN A 15 -1.14 6.62 9.16
C ASN A 15 -1.05 8.13 8.94
N THR A 16 -2.14 8.83 9.24
CA THR A 16 -2.19 10.28 9.07
C THR A 16 -3.13 10.91 10.09
N GLY A 17 -2.60 11.26 11.25
CA GLY A 17 -3.41 11.88 12.29
C GLY A 17 -4.37 10.90 12.93
N THR A 18 -4.23 9.62 12.58
CA THR A 18 -5.10 8.58 13.13
C THR A 18 -4.32 7.66 14.06
N LYS A 19 -4.90 7.38 15.22
CA LYS A 19 -4.26 6.50 16.18
C LYS A 19 -3.90 5.17 15.52
N ASP A 20 -4.90 4.30 15.44
CA ASP A 20 -4.71 3.00 14.83
C ASP A 20 -5.44 2.96 13.48
N CYS A 21 -5.26 1.84 12.79
CA CYS A 21 -5.89 1.66 11.48
C CYS A 21 -7.38 1.94 11.54
N ASP A 22 -7.77 3.10 11.04
CA ASP A 22 -9.18 3.49 11.05
C ASP A 22 -9.80 3.16 9.69
N CYS A 23 -9.27 2.12 9.06
CA CYS A 23 -9.75 1.70 7.75
C CYS A 23 -10.92 0.72 7.89
N SER A 24 -11.89 0.84 7.00
CA SER A 24 -13.06 -0.03 7.03
C SER A 24 -13.35 -0.59 5.64
N ASP A 25 -12.70 -1.69 5.31
CA ASP A 25 -12.89 -2.31 4.01
C ASP A 25 -12.35 -3.74 4.05
N ALA A 26 -12.43 -4.34 5.23
CA ALA A 26 -11.95 -5.71 5.43
C ALA A 26 -10.53 -5.88 4.91
N LYS A 27 -9.76 -4.79 4.94
CA LYS A 27 -8.39 -4.84 4.46
C LYS A 27 -7.75 -3.46 4.67
N CYS A 28 -6.46 -3.49 5.02
CA CYS A 28 -5.71 -2.27 5.25
C CYS A 28 -4.23 -2.58 5.48
N CYS A 29 -3.96 -3.68 6.16
CA CYS A 29 -2.59 -4.09 6.45
C CYS A 29 -1.95 -4.75 5.24
N GLU A 30 -1.99 -4.06 4.11
CA GLU A 30 -1.40 -4.59 2.89
C GLU A 30 -0.10 -3.86 2.55
N GLN A 31 0.66 -4.47 1.65
CA GLN A 31 1.93 -3.89 1.22
C GLN A 31 1.80 -3.19 -0.13
N TYR A 32 1.42 -1.92 -0.08
CA TYR A 32 1.25 -1.13 -1.30
C TYR A 32 2.58 -0.96 -2.03
N CYS A 33 3.67 -1.25 -1.33
CA CYS A 33 5.01 -1.12 -1.91
C CYS A 33 5.42 0.34 -2.03
N CYS A 34 4.64 1.11 -2.77
CA CYS A 34 4.93 2.53 -2.96
C CYS A 34 3.77 3.39 -2.46
N PRO A 35 4.06 4.67 -2.18
CA PRO A 35 3.06 5.61 -1.69
C PRO A 35 2.04 5.99 -2.76
N THR A 36 2.34 5.64 -4.00
CA THR A 36 1.45 5.94 -5.12
C THR A 36 0.36 4.88 -5.24
N ALA A 37 0.34 3.94 -4.30
CA ALA A 37 -0.66 2.88 -4.32
C ALA A 37 -1.48 2.88 -3.03
N SER A 38 -0.85 3.30 -1.94
CA SER A 38 -1.52 3.35 -0.64
C SER A 38 -2.51 4.52 -0.58
N GLU A 39 -2.47 5.36 -1.61
CA GLU A 39 -3.35 6.51 -1.67
C GLU A 39 -3.51 6.99 -3.11
N LYS A 40 -3.61 6.03 -4.02
CA LYS A 40 -3.77 6.34 -5.42
C LYS A 40 -4.24 5.09 -6.17
N LYS A 41 -3.71 3.95 -5.75
CA LYS A 41 -4.06 2.69 -6.37
C LYS A 41 -3.38 2.58 -7.73
N CYS A 42 -2.19 3.19 -7.82
CA CYS A 42 -1.41 3.17 -9.04
C CYS A 42 -1.24 1.75 -9.56
N CYS A 43 -1.12 0.80 -8.65
CA CYS A 43 -0.95 -0.60 -9.01
C CYS A 43 -1.70 -1.51 -8.04
N LYS A 44 -1.85 -2.77 -8.43
CA LYS A 44 -2.56 -3.73 -7.59
C LYS A 44 -1.78 -3.92 -6.29
N SER A 45 -2.52 -3.98 -5.20
CA SER A 45 -1.94 -4.15 -3.87
C SER A 45 -1.03 -5.37 -3.84
N GLY A 46 -0.33 -5.56 -2.73
CA GLY A 46 0.57 -6.69 -2.60
C GLY A 46 1.71 -6.65 -3.59
N CYS A 47 2.04 -5.46 -4.08
CA CYS A 47 3.11 -5.30 -5.04
C CYS A 47 4.42 -4.93 -4.36
N ALA A 48 4.56 -5.35 -3.10
CA ALA A 48 5.77 -5.07 -2.34
C ALA A 48 6.92 -5.96 -2.79
N GLY A 49 7.31 -5.83 -4.05
CA GLY A 49 8.40 -6.63 -4.57
C GLY A 49 8.26 -6.89 -6.06
N GLY A 50 7.16 -7.53 -6.45
CA GLY A 50 6.93 -7.83 -7.85
C GLY A 50 6.15 -6.74 -8.56
N CYS A 51 6.41 -5.50 -8.20
CA CYS A 51 5.72 -4.36 -8.80
C CYS A 51 5.85 -4.38 -10.31
N LYS A 52 7.08 -4.29 -10.80
CA LYS A 52 7.32 -4.30 -12.23
C LYS A 52 6.29 -3.43 -12.93
N CYS A 53 5.99 -2.29 -12.31
CA CYS A 53 5.02 -1.35 -12.85
C CYS A 53 5.72 -0.09 -13.36
N ALA A 54 5.59 0.15 -14.66
CA ALA A 54 6.19 1.33 -15.28
C ALA A 54 5.20 2.48 -15.37
N ASN A 55 4.27 2.54 -14.41
CA ASN A 55 3.27 3.59 -14.39
C ASN A 55 3.25 4.29 -13.03
N CYS A 56 3.56 3.53 -11.98
CA CYS A 56 3.57 4.08 -10.62
C CYS A 56 4.96 4.59 -10.26
N GLU A 57 5.16 4.89 -8.99
CA GLU A 57 6.44 5.39 -8.53
C GLU A 57 7.51 4.30 -8.65
N CYS A 58 7.04 3.06 -8.76
CA CYS A 58 7.94 1.92 -8.90
C CYS A 58 8.23 1.62 -10.36
N ALA A 59 8.52 2.66 -11.12
CA ALA A 59 8.83 2.53 -12.54
C ALA A 59 9.88 1.45 -12.77
N GLN A 60 9.49 0.39 -13.46
CA GLN A 60 10.40 -0.71 -13.75
C GLN A 60 10.45 -1.01 -15.25
N ALA A 61 9.48 -1.78 -15.72
CA ALA A 61 9.40 -2.14 -17.13
C ALA A 61 8.31 -3.16 -17.38
N ALA A 62 7.09 -2.84 -16.92
CA ALA A 62 5.95 -3.74 -17.10
C ALA A 62 4.69 -3.15 -16.49
N HIS A 63 3.63 -3.94 -16.44
CA HIS A 63 2.36 -3.48 -15.88
C HIS A 63 1.94 -2.16 -16.50
CD CD B . 6.35 -0.44 -5.98
CD CD C . 2.91 1.22 -7.38
CD CD D . 2.82 -2.53 -8.63
N MET A 1 -10.80 -9.05 9.27
CA MET A 1 -11.13 -7.74 8.72
C MET A 1 -10.24 -6.65 9.32
N VAL A 2 -9.25 -6.21 8.56
CA VAL A 2 -8.33 -5.18 9.01
C VAL A 2 -7.46 -5.68 10.17
N CYS A 3 -6.19 -5.33 10.14
CA CYS A 3 -5.26 -5.75 11.19
C CYS A 3 -5.41 -4.88 12.43
N LYS A 4 -6.09 -3.75 12.27
CA LYS A 4 -6.31 -2.85 13.39
C LYS A 4 -5.04 -2.02 13.62
N CYS A 5 -3.98 -2.41 12.93
CA CYS A 5 -2.70 -1.72 13.03
C CYS A 5 -2.40 -0.94 11.75
N ASP A 6 -2.00 0.32 11.92
CA ASP A 6 -1.68 1.16 10.77
C ASP A 6 -0.68 0.42 9.87
N CYS A 7 0.21 -0.33 10.51
CA CYS A 7 1.23 -1.08 9.80
C CYS A 7 2.20 -0.15 9.10
N LYS A 8 3.13 -0.72 8.34
CA LYS A 8 4.11 0.07 7.62
C LYS A 8 3.56 0.43 6.24
N ASN A 9 2.76 1.50 6.22
CA ASN A 9 2.15 1.97 4.98
C ASN A 9 2.27 3.49 4.87
N GLN A 10 2.09 4.00 3.65
CA GLN A 10 2.19 5.44 3.40
C GLN A 10 1.25 6.20 4.33
N ASN A 11 1.66 7.40 4.73
CA ASN A 11 0.87 8.24 5.62
C ASN A 11 0.35 7.43 6.81
N CYS A 12 1.24 6.63 7.40
CA CYS A 12 0.87 5.81 8.54
C CYS A 12 2.11 5.12 9.13
N SER A 13 2.30 5.26 10.44
CA SER A 13 3.44 4.66 11.12
C SER A 13 3.04 4.15 12.50
N CYS A 14 1.74 4.06 12.74
CA CYS A 14 1.23 3.60 14.03
C CYS A 14 1.74 4.47 15.16
N ASN A 15 2.13 5.69 14.84
CA ASN A 15 2.65 6.62 15.83
C ASN A 15 3.01 7.96 15.18
N THR A 16 2.23 8.36 14.18
CA THR A 16 2.48 9.62 13.48
C THR A 16 1.16 10.29 13.09
N GLY A 17 0.29 10.47 14.07
CA GLY A 17 -1.00 11.11 13.81
C GLY A 17 -2.09 10.09 13.50
N THR A 18 -1.68 8.89 13.11
CA THR A 18 -2.63 7.83 12.78
C THR A 18 -2.72 6.80 13.90
N LYS A 19 -3.82 6.83 14.63
CA LYS A 19 -4.02 5.88 15.72
C LYS A 19 -4.28 4.49 15.15
N ASP A 20 -5.47 4.31 14.62
CA ASP A 20 -5.86 3.03 14.04
C ASP A 20 -5.49 3.03 12.55
N CYS A 21 -6.00 2.02 11.86
CA CYS A 21 -5.75 1.87 10.42
C CYS A 21 -6.36 3.02 9.65
N ASP A 22 -5.59 4.08 9.45
CA ASP A 22 -6.06 5.24 8.72
C ASP A 22 -6.27 4.86 7.25
N CYS A 23 -5.60 3.78 6.85
CA CYS A 23 -5.70 3.29 5.48
C CYS A 23 -7.14 2.95 5.12
N SER A 24 -7.33 2.35 3.95
CA SER A 24 -8.66 1.99 3.49
C SER A 24 -8.70 0.51 3.09
N ASP A 25 -9.90 0.02 2.79
CA ASP A 25 -10.07 -1.37 2.40
C ASP A 25 -9.65 -2.28 3.56
N ALA A 26 -10.14 -3.52 3.51
CA ALA A 26 -9.84 -4.50 4.53
C ALA A 26 -8.41 -5.01 4.41
N LYS A 27 -7.84 -5.44 5.52
CA LYS A 27 -6.48 -5.94 5.52
C LYS A 27 -5.55 -4.91 4.86
N CYS A 28 -5.47 -3.75 5.51
CA CYS A 28 -4.63 -2.66 5.02
C CYS A 28 -3.15 -2.98 5.21
N CYS A 29 -2.87 -4.05 5.95
CA CYS A 29 -1.51 -4.47 6.21
C CYS A 29 -0.91 -5.18 5.00
N GLU A 30 -0.90 -4.49 3.87
CA GLU A 30 -0.36 -5.07 2.65
C GLU A 30 0.93 -4.35 2.25
N GLN A 31 1.67 -4.98 1.34
CA GLN A 31 2.93 -4.43 0.86
C GLN A 31 2.74 -3.74 -0.48
N TYR A 32 2.09 -2.57 -0.46
CA TYR A 32 1.84 -1.82 -1.68
C TYR A 32 3.15 -1.47 -2.38
N CYS A 33 4.23 -1.35 -1.61
CA CYS A 33 5.53 -1.03 -2.16
C CYS A 33 5.59 0.42 -2.61
N CYS A 34 4.72 0.78 -3.56
CA CYS A 34 4.67 2.13 -4.08
C CYS A 34 3.36 2.82 -3.70
N PRO A 35 3.35 4.15 -3.76
CA PRO A 35 2.17 4.96 -3.43
C PRO A 35 1.05 4.79 -4.45
N THR A 36 1.38 4.22 -5.61
CA THR A 36 0.41 4.01 -6.67
C THR A 36 -0.31 2.68 -6.50
N ALA A 37 -0.10 2.05 -5.35
CA ALA A 37 -0.74 0.77 -5.07
C ALA A 37 -1.63 0.85 -3.84
N SER A 38 -1.36 1.83 -2.98
CA SER A 38 -2.14 2.03 -1.76
C SER A 38 -3.62 2.22 -2.09
N GLU A 39 -3.89 3.07 -3.07
CA GLU A 39 -5.26 3.34 -3.46
C GLU A 39 -5.35 3.52 -4.98
N LYS A 40 -4.68 2.62 -5.69
CA LYS A 40 -4.68 2.66 -7.15
C LYS A 40 -4.63 1.24 -7.69
N LYS A 41 -3.80 0.41 -7.05
CA LYS A 41 -3.65 -0.97 -7.46
C LYS A 41 -2.83 -1.03 -8.75
N CYS A 42 -1.87 -0.12 -8.85
CA CYS A 42 -1.00 -0.04 -10.02
C CYS A 42 -0.41 -1.42 -10.34
N CYS A 43 -0.17 -2.21 -9.30
CA CYS A 43 0.39 -3.55 -9.48
C CYS A 43 -0.13 -4.51 -8.40
N LYS A 44 0.02 -5.80 -8.66
CA LYS A 44 -0.43 -6.80 -7.71
C LYS A 44 0.12 -6.46 -6.32
N SER A 45 -0.80 -6.38 -5.36
CA SER A 45 -0.44 -6.07 -3.97
C SER A 45 0.33 -7.22 -3.34
N GLY A 46 1.20 -6.90 -2.39
CA GLY A 46 1.98 -7.92 -1.72
C GLY A 46 3.47 -7.76 -1.98
N CYS A 47 3.84 -6.66 -2.64
CA CYS A 47 5.24 -6.40 -2.95
C CYS A 47 5.96 -5.77 -1.75
N ALA A 48 6.83 -6.55 -1.11
CA ALA A 48 7.58 -6.06 0.04
C ALA A 48 8.79 -5.25 -0.39
N GLY A 49 8.55 -4.24 -1.24
CA GLY A 49 9.64 -3.40 -1.71
C GLY A 49 9.82 -3.49 -3.21
N GLY A 50 11.06 -3.31 -3.66
CA GLY A 50 11.35 -3.37 -5.08
C GLY A 50 10.79 -4.62 -5.73
N CYS A 51 9.66 -4.49 -6.41
CA CYS A 51 9.01 -5.62 -7.07
C CYS A 51 9.60 -5.82 -8.46
N LYS A 52 8.96 -5.22 -9.46
CA LYS A 52 9.42 -5.35 -10.83
C LYS A 52 8.42 -4.65 -11.77
N CYS A 53 7.16 -4.73 -11.39
CA CYS A 53 6.09 -4.11 -12.17
C CYS A 53 6.52 -2.75 -12.70
N ALA A 54 6.67 -2.65 -14.01
CA ALA A 54 7.07 -1.40 -14.65
C ALA A 54 5.86 -0.59 -15.11
N ASN A 55 4.73 -0.80 -14.44
CA ASN A 55 3.50 -0.10 -14.79
C ASN A 55 3.02 0.77 -13.63
N CYS A 56 3.71 0.67 -12.50
CA CYS A 56 3.36 1.44 -11.31
C CYS A 56 4.31 2.63 -11.14
N GLU A 57 4.32 3.20 -9.94
CA GLU A 57 5.18 4.33 -9.67
C GLU A 57 6.62 4.03 -10.08
N CYS A 58 6.94 2.74 -10.07
CA CYS A 58 8.28 2.28 -10.44
C CYS A 58 8.56 2.55 -11.92
N ALA A 59 7.52 2.43 -12.73
CA ALA A 59 7.66 2.66 -14.17
C ALA A 59 6.30 2.69 -14.85
N GLN A 60 6.21 3.45 -15.94
CA GLN A 60 4.95 3.57 -16.68
C GLN A 60 5.05 2.88 -18.03
N ALA A 61 4.91 1.56 -18.04
CA ALA A 61 4.99 0.79 -19.27
C ALA A 61 4.91 -0.70 -18.99
N ALA A 62 3.75 -1.16 -18.53
CA ALA A 62 3.54 -2.57 -18.21
C ALA A 62 2.13 -2.82 -17.72
N HIS A 63 1.90 -4.03 -17.21
CA HIS A 63 0.58 -4.40 -16.69
C HIS A 63 0.06 -3.35 -15.72
CD CD B . 7.06 -1.16 -6.80
CD CD C . 3.36 -0.49 -7.82
CD CD D . 4.59 -4.51 -7.66
N MET A 1 -8.19 -5.98 7.34
CA MET A 1 -8.86 -6.17 8.62
C MET A 1 -7.94 -5.76 9.77
N VAL A 2 -7.99 -4.48 10.13
CA VAL A 2 -7.18 -3.95 11.22
C VAL A 2 -5.70 -3.98 10.86
N CYS A 3 -4.99 -2.91 11.17
CA CYS A 3 -3.56 -2.81 10.87
C CYS A 3 -2.77 -2.53 12.14
N LYS A 4 -3.24 -3.06 13.26
CA LYS A 4 -2.57 -2.86 14.53
C LYS A 4 -1.31 -3.73 14.58
N CYS A 5 -0.34 -3.38 13.74
CA CYS A 5 0.91 -4.12 13.67
C CYS A 5 2.09 -3.17 13.44
N ASP A 6 2.28 -2.76 12.20
CA ASP A 6 3.36 -1.86 11.86
C ASP A 6 3.40 -1.66 10.35
N CYS A 7 3.13 -2.75 9.63
CA CYS A 7 3.14 -2.72 8.17
C CYS A 7 4.52 -2.35 7.64
N LYS A 8 4.60 -2.10 6.34
CA LYS A 8 5.85 -1.74 5.72
C LYS A 8 5.62 -0.62 4.70
N ASN A 9 4.66 0.24 5.02
CA ASN A 9 4.32 1.35 4.15
C ASN A 9 4.73 2.68 4.79
N GLN A 10 4.22 3.77 4.23
CA GLN A 10 4.54 5.10 4.74
C GLN A 10 3.30 5.76 5.35
N ASN A 11 3.52 6.56 6.39
CA ASN A 11 2.42 7.26 7.06
C ASN A 11 1.48 6.25 7.74
N CYS A 12 2.07 5.31 8.47
CA CYS A 12 1.28 4.29 9.17
C CYS A 12 1.81 4.09 10.58
N SER A 13 1.37 4.94 11.51
CA SER A 13 1.80 4.84 12.90
C SER A 13 0.67 4.32 13.78
N CYS A 14 -0.37 3.82 13.15
CA CYS A 14 -1.53 3.29 13.88
C CYS A 14 -2.03 4.29 14.91
N ASN A 15 -2.03 5.56 14.54
CA ASN A 15 -2.48 6.62 15.44
C ASN A 15 -3.03 7.80 14.65
N THR A 16 -3.39 7.57 13.39
CA THR A 16 -3.92 8.61 12.53
C THR A 16 -5.43 8.45 12.34
N GLY A 17 -5.81 7.49 11.51
CA GLY A 17 -7.22 7.25 11.26
C GLY A 17 -7.47 6.55 9.94
N THR A 18 -7.03 7.17 8.85
CA THR A 18 -7.20 6.59 7.52
C THR A 18 -6.24 5.42 7.29
N LYS A 19 -5.11 5.47 7.99
CA LYS A 19 -4.12 4.41 7.85
C LYS A 19 -4.23 3.47 9.05
N ASP A 20 -4.25 4.05 10.23
CA ASP A 20 -4.36 3.27 11.45
C ASP A 20 -5.47 2.24 11.30
N CYS A 21 -5.54 1.34 12.27
CA CYS A 21 -6.55 0.28 12.27
C CYS A 21 -7.93 0.85 12.02
N ASP A 22 -8.30 0.95 10.75
CA ASP A 22 -9.61 1.48 10.39
C ASP A 22 -10.21 0.63 9.26
N CYS A 23 -9.62 -0.54 9.07
CA CYS A 23 -10.08 -1.47 8.05
C CYS A 23 -11.18 -2.37 8.57
N SER A 24 -12.18 -2.63 7.74
CA SER A 24 -13.30 -3.47 8.13
C SER A 24 -13.61 -4.51 7.05
N ASP A 25 -13.46 -4.10 5.80
CA ASP A 25 -13.72 -4.99 4.69
C ASP A 25 -12.41 -5.23 3.91
N ALA A 26 -11.34 -5.40 4.67
CA ALA A 26 -10.03 -5.63 4.09
C ALA A 26 -9.56 -4.43 3.27
N LYS A 27 -8.62 -3.68 3.83
CA LYS A 27 -8.09 -2.51 3.13
C LYS A 27 -6.64 -2.28 3.54
N CYS A 28 -6.46 -1.70 4.72
CA CYS A 28 -5.13 -1.42 5.25
C CYS A 28 -4.44 -2.70 5.69
N CYS A 29 -3.39 -2.56 6.49
CA CYS A 29 -2.65 -3.71 6.98
C CYS A 29 -2.05 -4.50 5.83
N GLU A 30 -1.55 -3.80 4.82
CA GLU A 30 -0.95 -4.45 3.67
C GLU A 30 0.46 -3.93 3.44
N GLN A 31 1.13 -4.55 2.48
CA GLN A 31 2.50 -4.16 2.13
C GLN A 31 2.58 -3.63 0.71
N TYR A 32 2.22 -2.37 0.52
CA TYR A 32 2.25 -1.75 -0.79
C TYR A 32 3.67 -1.44 -1.22
N CYS A 33 3.85 -1.11 -2.50
CA CYS A 33 5.16 -0.79 -3.03
C CYS A 33 5.30 0.71 -3.28
N CYS A 34 4.30 1.30 -3.93
CA CYS A 34 4.30 2.72 -4.22
C CYS A 34 3.23 3.44 -3.42
N PRO A 35 3.39 4.78 -3.28
CA PRO A 35 2.45 5.62 -2.53
C PRO A 35 1.11 5.75 -3.25
N THR A 36 1.09 5.39 -4.52
CA THR A 36 -0.13 5.47 -5.33
C THR A 36 -0.97 4.21 -5.19
N ALA A 37 -0.55 3.32 -4.29
CA ALA A 37 -1.27 2.07 -4.07
C ALA A 37 -1.71 1.96 -2.61
N SER A 38 -1.04 2.67 -1.73
CA SER A 38 -1.36 2.64 -0.31
C SER A 38 -2.84 2.92 -0.08
N GLU A 39 -3.43 3.69 -0.99
CA GLU A 39 -4.84 4.03 -0.88
C GLU A 39 -5.47 4.16 -2.26
N LYS A 40 -5.14 3.20 -3.12
CA LYS A 40 -5.66 3.20 -4.48
C LYS A 40 -5.77 1.75 -4.97
N LYS A 41 -4.74 0.97 -4.67
CA LYS A 41 -4.70 -0.42 -5.08
C LYS A 41 -4.41 -0.50 -6.58
N CYS A 42 -3.65 0.47 -7.06
CA CYS A 42 -3.29 0.55 -8.47
C CYS A 42 -2.77 -0.81 -8.96
N CYS A 43 -2.00 -1.49 -8.11
CA CYS A 43 -1.45 -2.78 -8.46
C CYS A 43 -1.75 -3.81 -7.37
N LYS A 44 -1.54 -5.08 -7.69
CA LYS A 44 -1.79 -6.14 -6.74
C LYS A 44 -1.08 -5.83 -5.42
N SER A 45 -1.86 -5.74 -4.35
CA SER A 45 -1.34 -5.44 -3.04
C SER A 45 -0.36 -6.53 -2.58
N GLY A 46 0.81 -6.10 -2.11
CA GLY A 46 1.82 -7.04 -1.65
C GLY A 46 3.17 -6.80 -2.27
N CYS A 47 3.21 -5.96 -3.29
CA CYS A 47 4.46 -5.64 -3.99
C CYS A 47 5.53 -5.21 -2.99
N ALA A 48 6.51 -6.09 -2.77
CA ALA A 48 7.60 -5.81 -1.85
C ALA A 48 8.90 -5.55 -2.59
N GLY A 49 8.85 -4.65 -3.56
CA GLY A 49 10.05 -4.33 -4.33
C GLY A 49 9.71 -3.72 -5.68
N GLY A 50 10.16 -4.37 -6.75
CA GLY A 50 9.90 -3.88 -8.10
C GLY A 50 8.43 -3.59 -8.33
N CYS A 51 7.58 -4.53 -7.94
CA CYS A 51 6.13 -4.39 -8.12
C CYS A 51 5.74 -4.65 -9.57
N LYS A 52 6.68 -4.47 -10.48
CA LYS A 52 6.41 -4.69 -11.89
C LYS A 52 5.01 -4.16 -12.22
N CYS A 53 4.92 -2.85 -12.37
CA CYS A 53 3.65 -2.19 -12.69
C CYS A 53 3.90 -0.83 -13.32
N ALA A 54 3.48 -0.69 -14.57
CA ALA A 54 3.65 0.56 -15.30
C ALA A 54 2.40 1.43 -15.19
N ASN A 55 1.62 1.20 -14.14
CA ASN A 55 0.39 1.96 -13.92
C ASN A 55 0.47 2.75 -12.62
N CYS A 56 1.40 2.37 -11.75
CA CYS A 56 1.59 3.05 -10.47
C CYS A 56 2.60 4.16 -10.59
N GLU A 57 3.02 4.70 -9.45
CA GLU A 57 3.99 5.78 -9.45
C GLU A 57 5.33 5.30 -10.02
N CYS A 58 5.50 3.98 -10.00
CA CYS A 58 6.72 3.37 -10.52
C CYS A 58 6.90 3.69 -12.00
N ALA A 59 6.01 3.16 -12.83
CA ALA A 59 6.08 3.39 -14.27
C ALA A 59 7.33 2.77 -14.86
N GLN A 60 7.39 1.44 -14.86
CA GLN A 60 8.54 0.72 -15.40
C GLN A 60 8.30 -0.79 -15.39
N ALA A 61 7.29 -1.22 -16.13
CA ALA A 61 6.95 -2.64 -16.21
C ALA A 61 5.74 -2.87 -17.11
N ALA A 62 5.18 -4.08 -17.04
CA ALA A 62 4.02 -4.42 -17.85
C ALA A 62 2.98 -5.18 -17.03
N HIS A 63 3.22 -5.27 -15.73
CA HIS A 63 2.30 -5.96 -14.83
C HIS A 63 1.96 -7.35 -15.37
CD CD B . 5.49 -0.08 -7.38
CD CD C . 1.46 0.35 -7.45
CD CD D . 3.08 -3.21 -8.28
N MET A 1 -9.34 -8.10 9.68
CA MET A 1 -7.91 -7.85 9.75
C MET A 1 -7.63 -6.44 10.26
N VAL A 2 -8.19 -5.44 9.57
CA VAL A 2 -7.99 -4.05 9.95
C VAL A 2 -6.54 -3.62 9.77
N CYS A 3 -6.36 -2.40 9.28
CA CYS A 3 -5.01 -1.86 9.05
C CYS A 3 -4.36 -1.46 10.37
N LYS A 4 -5.14 -1.46 11.43
CA LYS A 4 -4.63 -1.09 12.74
C LYS A 4 -3.73 -2.20 13.28
N CYS A 5 -2.48 -2.17 12.81
CA CYS A 5 -1.50 -3.17 13.22
C CYS A 5 -0.10 -2.76 12.78
N ASP A 6 0.87 -3.63 13.04
CA ASP A 6 2.25 -3.34 12.66
C ASP A 6 2.44 -3.67 11.18
N CYS A 7 1.76 -2.91 10.34
CA CYS A 7 1.83 -3.09 8.90
C CYS A 7 3.10 -2.45 8.33
N LYS A 8 3.31 -2.61 7.03
CA LYS A 8 4.48 -2.04 6.39
C LYS A 8 4.06 -1.27 5.14
N ASN A 9 3.78 0.02 5.35
CA ASN A 9 3.36 0.90 4.26
C ASN A 9 3.10 2.31 4.78
N GLN A 10 2.50 3.14 3.92
CA GLN A 10 2.20 4.52 4.30
C GLN A 10 0.71 4.70 4.53
N ASN A 11 0.37 5.59 5.47
CA ASN A 11 -1.03 5.86 5.80
C ASN A 11 -1.80 4.56 6.04
N CYS A 12 -1.21 3.67 6.85
CA CYS A 12 -1.84 2.40 7.17
C CYS A 12 -1.02 1.64 8.22
N SER A 13 0.29 1.82 8.17
CA SER A 13 1.18 1.15 9.11
C SER A 13 0.87 1.55 10.55
N CYS A 14 0.14 2.66 10.69
CA CYS A 14 -0.23 3.16 12.01
C CYS A 14 1.00 3.61 12.79
N ASN A 15 1.87 4.36 12.13
CA ASN A 15 3.09 4.86 12.75
C ASN A 15 3.50 6.20 12.17
N THR A 16 4.00 6.18 10.95
CA THR A 16 4.43 7.41 10.28
C THR A 16 3.35 7.94 9.35
N GLY A 17 2.21 8.32 9.93
CA GLY A 17 1.10 8.84 9.15
C GLY A 17 -0.14 7.97 9.24
N THR A 18 -1.26 8.60 9.59
CA THR A 18 -2.52 7.87 9.72
C THR A 18 -2.45 6.86 10.86
N LYS A 19 -2.54 7.34 12.08
CA LYS A 19 -2.49 6.46 13.24
C LYS A 19 -3.51 5.33 13.06
N ASP A 20 -4.74 5.63 13.45
CA ASP A 20 -5.81 4.65 13.34
C ASP A 20 -6.09 4.37 11.86
N CYS A 21 -6.23 3.08 11.55
CA CYS A 21 -6.48 2.65 10.18
C CYS A 21 -7.65 3.44 9.58
N ASP A 22 -7.33 4.38 8.70
CA ASP A 22 -8.36 5.19 8.07
C ASP A 22 -8.66 4.62 6.68
N CYS A 23 -8.35 3.34 6.52
CA CYS A 23 -8.58 2.66 5.24
C CYS A 23 -10.04 2.75 4.84
N SER A 24 -10.37 2.15 3.69
CA SER A 24 -11.74 2.17 3.18
C SER A 24 -12.40 0.81 3.38
N ASP A 25 -12.47 0.37 4.62
CA ASP A 25 -13.08 -0.92 4.93
C ASP A 25 -12.35 -2.02 4.17
N ALA A 26 -12.99 -3.19 4.11
CA ALA A 26 -12.41 -4.34 3.43
C ALA A 26 -11.17 -4.84 4.14
N LYS A 27 -10.94 -4.34 5.36
CA LYS A 27 -9.78 -4.75 6.13
C LYS A 27 -8.52 -4.54 5.30
N CYS A 28 -7.94 -3.35 5.46
CA CYS A 28 -6.73 -3.00 4.74
C CYS A 28 -5.48 -3.57 5.43
N CYS A 29 -5.04 -4.73 4.97
CA CYS A 29 -3.87 -5.38 5.55
C CYS A 29 -2.94 -5.90 4.46
N GLU A 30 -2.44 -4.98 3.64
CA GLU A 30 -1.54 -5.36 2.56
C GLU A 30 -0.25 -4.54 2.64
N GLN A 31 0.75 -4.99 1.88
CA GLN A 31 2.04 -4.33 1.86
C GLN A 31 2.36 -3.82 0.46
N TYR A 32 1.64 -2.78 0.03
CA TYR A 32 1.84 -2.19 -1.29
C TYR A 32 3.28 -1.69 -1.46
N CYS A 33 3.62 -1.28 -2.67
CA CYS A 33 4.96 -0.78 -2.96
C CYS A 33 4.93 0.72 -3.20
N CYS A 34 3.98 1.18 -4.00
CA CYS A 34 3.85 2.59 -4.32
C CYS A 34 2.53 3.15 -3.79
N PRO A 35 2.44 4.48 -3.71
CA PRO A 35 1.24 5.17 -3.22
C PRO A 35 0.07 5.05 -4.19
N THR A 36 0.36 4.60 -5.40
CA THR A 36 -0.67 4.43 -6.43
C THR A 36 -1.34 3.08 -6.32
N ALA A 37 -0.97 2.31 -5.29
CA ALA A 37 -1.54 0.99 -5.08
C ALA A 37 -2.21 0.90 -3.71
N SER A 38 -1.84 1.80 -2.82
CA SER A 38 -2.40 1.82 -1.47
C SER A 38 -3.85 2.31 -1.49
N GLU A 39 -4.17 3.14 -2.46
CA GLU A 39 -5.51 3.67 -2.58
C GLU A 39 -5.88 3.90 -4.05
N LYS A 40 -5.52 2.92 -4.87
CA LYS A 40 -5.80 2.99 -6.30
C LYS A 40 -5.84 1.57 -6.87
N LYS A 41 -4.89 0.75 -6.43
CA LYS A 41 -4.81 -0.62 -6.89
C LYS A 41 -4.24 -0.63 -8.31
N CYS A 42 -3.43 0.38 -8.61
CA CYS A 42 -2.81 0.50 -9.92
C CYS A 42 -2.16 -0.81 -10.34
N CYS A 43 -1.50 -1.47 -9.39
CA CYS A 43 -0.83 -2.74 -9.67
C CYS A 43 -1.22 -3.79 -8.64
N LYS A 44 -0.90 -5.04 -8.94
CA LYS A 44 -1.23 -6.13 -8.03
C LYS A 44 -0.50 -5.93 -6.70
N SER A 45 -1.27 -5.96 -5.63
CA SER A 45 -0.73 -5.78 -4.29
C SER A 45 0.02 -7.02 -3.83
N GLY A 46 1.21 -6.82 -3.28
CA GLY A 46 2.00 -7.95 -2.80
C GLY A 46 3.47 -7.80 -3.16
N CYS A 47 3.78 -6.86 -4.06
CA CYS A 47 5.15 -6.63 -4.48
C CYS A 47 6.07 -6.45 -3.27
N ALA A 48 5.91 -5.32 -2.58
CA ALA A 48 6.73 -5.02 -1.41
C ALA A 48 8.21 -5.23 -1.71
N GLY A 49 8.61 -4.95 -2.94
CA GLY A 49 10.00 -5.11 -3.33
C GLY A 49 10.16 -5.45 -4.80
N GLY A 50 11.09 -4.76 -5.46
CA GLY A 50 11.32 -5.01 -6.88
C GLY A 50 10.05 -4.95 -7.70
N CYS A 51 9.22 -3.95 -7.42
CA CYS A 51 7.96 -3.77 -8.13
C CYS A 51 8.19 -3.13 -9.49
N LYS A 52 8.21 -1.79 -9.51
CA LYS A 52 8.42 -1.07 -10.76
C LYS A 52 7.70 -1.80 -11.89
N CYS A 53 6.38 -1.76 -11.83
CA CYS A 53 5.54 -2.41 -12.84
C CYS A 53 5.37 -1.50 -14.05
N ALA A 54 6.05 -0.37 -14.04
CA ALA A 54 5.96 0.58 -15.14
C ALA A 54 4.53 1.06 -15.36
N ASN A 55 3.69 0.84 -14.35
CA ASN A 55 2.28 1.24 -14.43
C ASN A 55 1.84 1.89 -13.12
N CYS A 56 2.76 1.97 -12.16
CA CYS A 56 2.45 2.57 -10.87
C CYS A 56 3.09 3.94 -10.73
N GLU A 57 3.28 4.38 -9.49
CA GLU A 57 3.89 5.68 -9.24
C GLU A 57 5.34 5.68 -9.71
N CYS A 58 5.85 4.48 -9.97
CA CYS A 58 7.23 4.32 -10.43
C CYS A 58 7.41 4.92 -11.82
N ALA A 59 6.65 4.41 -12.78
CA ALA A 59 6.73 4.89 -14.15
C ALA A 59 5.34 5.23 -14.69
N GLN A 60 4.34 4.53 -14.21
CA GLN A 60 2.96 4.77 -14.64
C GLN A 60 2.78 4.41 -16.11
N ALA A 61 1.60 3.94 -16.46
CA ALA A 61 1.30 3.56 -17.84
C ALA A 61 -0.16 3.13 -17.99
N ALA A 62 -0.49 1.96 -17.46
CA ALA A 62 -1.85 1.44 -17.53
C ALA A 62 -1.97 0.12 -16.77
N HIS A 63 -1.50 -0.96 -17.39
CA HIS A 63 -1.56 -2.27 -16.76
C HIS A 63 -2.98 -2.60 -16.32
CD CD B . 5.92 0.19 -7.42
CD CD C . 1.85 0.01 -8.08
CD CD D . 3.58 -3.73 -8.65
N MET A 1 -6.39 -8.58 10.02
CA MET A 1 -6.56 -7.93 11.31
C MET A 1 -6.17 -6.45 11.24
N VAL A 2 -5.28 -6.13 10.31
CA VAL A 2 -4.82 -4.76 10.14
C VAL A 2 -4.06 -4.27 11.37
N CYS A 3 -3.22 -3.27 11.18
CA CYS A 3 -2.44 -2.70 12.27
C CYS A 3 -1.39 -3.70 12.76
N LYS A 4 -0.14 -3.26 12.84
CA LYS A 4 0.93 -4.13 13.29
C LYS A 4 0.96 -5.39 12.42
N CYS A 5 0.50 -5.23 11.18
CA CYS A 5 0.47 -6.33 10.24
C CYS A 5 1.54 -6.17 9.17
N ASP A 6 1.57 -7.09 8.21
CA ASP A 6 2.55 -7.04 7.15
C ASP A 6 2.19 -5.91 6.18
N CYS A 7 2.55 -4.69 6.58
CA CYS A 7 2.26 -3.50 5.77
C CYS A 7 3.56 -2.77 5.42
N LYS A 8 3.83 -2.64 4.12
CA LYS A 8 5.03 -1.96 3.68
C LYS A 8 4.69 -0.51 3.33
N ASN A 9 3.45 -0.32 2.88
CA ASN A 9 2.97 1.02 2.51
C ASN A 9 3.01 1.96 3.70
N GLN A 10 2.37 3.11 3.56
CA GLN A 10 2.32 4.11 4.63
C GLN A 10 0.93 4.72 4.74
N ASN A 11 0.52 5.01 5.98
CA ASN A 11 -0.79 5.61 6.22
C ASN A 11 -1.86 4.93 5.36
N CYS A 12 -2.00 3.62 5.53
CA CYS A 12 -2.98 2.86 4.77
C CYS A 12 -4.35 3.54 4.82
N SER A 13 -4.89 3.85 3.64
CA SER A 13 -6.19 4.51 3.55
C SER A 13 -7.29 3.48 3.34
N CYS A 14 -7.77 2.89 4.44
CA CYS A 14 -8.83 1.90 4.37
C CYS A 14 -9.98 2.28 5.30
N ASN A 15 -10.69 3.34 4.96
CA ASN A 15 -11.82 3.80 5.77
C ASN A 15 -11.35 4.26 7.14
N THR A 16 -10.17 4.87 7.19
CA THR A 16 -9.61 5.34 8.44
C THR A 16 -8.78 6.61 8.24
N GLY A 17 -7.93 6.58 7.20
CA GLY A 17 -7.10 7.73 6.91
C GLY A 17 -6.30 8.20 8.12
N THR A 18 -5.10 7.65 8.27
CA THR A 18 -4.24 8.02 9.40
C THR A 18 -2.78 7.65 9.11
N LYS A 19 -1.87 8.40 9.69
CA LYS A 19 -0.45 8.12 9.50
C LYS A 19 -0.17 6.65 9.74
N ASP A 20 -0.59 6.18 10.90
CA ASP A 20 -0.39 4.79 11.27
C ASP A 20 -1.75 4.08 11.29
N CYS A 21 -1.69 2.75 11.27
CA CYS A 21 -2.90 1.94 11.28
C CYS A 21 -3.84 2.36 12.40
N ASP A 22 -4.89 3.08 12.04
CA ASP A 22 -5.86 3.56 13.02
C ASP A 22 -7.20 2.84 12.79
N CYS A 23 -7.12 1.52 12.69
CA CYS A 23 -8.30 0.70 12.48
C CYS A 23 -8.46 -0.32 13.60
N SER A 24 -9.41 -1.24 13.42
CA SER A 24 -9.67 -2.27 14.42
C SER A 24 -9.65 -3.66 13.77
N ASP A 25 -10.70 -3.99 13.05
CA ASP A 25 -10.80 -5.28 12.39
C ASP A 25 -10.23 -5.17 10.97
N ALA A 26 -10.40 -6.24 10.21
CA ALA A 26 -9.93 -6.30 8.84
C ALA A 26 -10.36 -5.05 8.06
N LYS A 27 -9.49 -4.58 7.18
CA LYS A 27 -9.79 -3.41 6.39
C LYS A 27 -8.75 -3.26 5.27
N CYS A 28 -7.60 -2.72 5.65
CA CYS A 28 -6.51 -2.52 4.70
C CYS A 28 -5.78 -3.84 4.42
N CYS A 29 -4.81 -4.15 5.27
CA CYS A 29 -4.04 -5.38 5.12
C CYS A 29 -3.62 -5.59 3.67
N GLU A 30 -3.10 -4.54 3.06
CA GLU A 30 -2.66 -4.62 1.66
C GLU A 30 -1.20 -4.20 1.53
N GLN A 31 -0.62 -4.56 0.39
CA GLN A 31 0.78 -4.23 0.12
C GLN A 31 0.89 -3.25 -1.04
N TYR A 32 0.40 -2.02 -0.83
CA TYR A 32 0.45 -0.99 -1.85
C TYR A 32 1.86 -0.82 -2.39
N CYS A 33 2.85 -1.15 -1.56
CA CYS A 33 4.24 -1.02 -1.95
C CYS A 33 4.68 0.44 -1.98
N CYS A 34 4.01 1.23 -2.82
CA CYS A 34 4.32 2.65 -2.94
C CYS A 34 3.16 3.51 -2.47
N PRO A 35 3.45 4.78 -2.16
CA PRO A 35 2.43 5.72 -1.69
C PRO A 35 1.46 6.13 -2.79
N THR A 36 1.81 5.80 -4.03
CA THR A 36 0.98 6.11 -5.18
C THR A 36 -0.07 5.04 -5.42
N ALA A 37 -0.16 4.09 -4.48
CA ALA A 37 -1.13 3.00 -4.59
C ALA A 37 -2.09 3.00 -3.40
N SER A 38 -1.68 3.66 -2.32
CA SER A 38 -2.51 3.73 -1.12
C SER A 38 -3.91 4.20 -1.45
N GLU A 39 -4.03 5.01 -2.49
CA GLU A 39 -5.32 5.52 -2.90
C GLU A 39 -5.33 5.79 -4.41
N LYS A 40 -4.81 4.83 -5.15
CA LYS A 40 -4.76 4.95 -6.61
C LYS A 40 -4.86 3.56 -7.24
N LYS A 41 -4.14 2.63 -6.63
CA LYS A 41 -4.14 1.26 -7.13
C LYS A 41 -3.29 1.18 -8.41
N CYS A 42 -2.24 1.99 -8.43
CA CYS A 42 -1.34 2.03 -9.58
C CYS A 42 -0.93 0.62 -9.99
N CYS A 43 -0.85 -0.28 -9.03
CA CYS A 43 -0.46 -1.66 -9.30
C CYS A 43 -1.27 -2.63 -8.45
N LYS A 44 -1.48 -3.83 -8.96
CA LYS A 44 -2.24 -4.83 -8.24
C LYS A 44 -1.66 -5.00 -6.83
N SER A 45 -2.53 -4.79 -5.84
CA SER A 45 -2.13 -4.90 -4.45
C SER A 45 -1.41 -6.22 -4.19
N GLY A 46 -0.41 -6.18 -3.31
CA GLY A 46 0.35 -7.38 -2.99
C GLY A 46 1.63 -7.48 -3.80
N CYS A 47 2.21 -6.34 -4.14
CA CYS A 47 3.45 -6.31 -4.91
C CYS A 47 4.62 -6.85 -4.09
N ALA A 48 4.39 -7.03 -2.79
CA ALA A 48 5.43 -7.54 -1.90
C ALA A 48 6.59 -6.56 -1.80
N GLY A 49 6.39 -5.35 -2.31
CA GLY A 49 7.44 -4.34 -2.27
C GLY A 49 8.26 -4.31 -3.55
N GLY A 50 8.60 -5.48 -4.08
CA GLY A 50 9.36 -5.55 -5.30
C GLY A 50 8.50 -5.49 -6.54
N CYS A 51 8.06 -4.29 -6.91
CA CYS A 51 7.21 -4.11 -8.08
C CYS A 51 7.96 -3.36 -9.17
N LYS A 52 8.71 -2.34 -8.78
CA LYS A 52 9.47 -1.54 -9.74
C LYS A 52 8.61 -1.30 -10.99
N CYS A 53 7.35 -0.97 -10.75
CA CYS A 53 6.40 -0.72 -11.82
C CYS A 53 6.82 0.51 -12.61
N ALA A 54 6.00 0.87 -13.61
CA ALA A 54 6.29 2.04 -14.45
C ALA A 54 5.11 3.00 -14.45
N ASN A 55 4.24 2.88 -13.45
CA ASN A 55 3.07 3.75 -13.34
C ASN A 55 2.84 4.16 -11.89
N CYS A 56 3.82 3.89 -11.03
CA CYS A 56 3.72 4.24 -9.62
C CYS A 56 4.94 5.05 -9.18
N GLU A 57 5.11 5.17 -7.87
CA GLU A 57 6.23 5.91 -7.33
C GLU A 57 7.55 5.27 -7.76
N CYS A 58 7.57 3.95 -7.71
CA CYS A 58 8.76 3.19 -8.09
C CYS A 58 8.85 3.03 -9.61
N ALA A 59 8.84 4.16 -10.31
CA ALA A 59 8.92 4.15 -11.76
C ALA A 59 10.34 3.84 -12.23
N GLN A 60 10.54 2.64 -12.75
CA GLN A 60 11.85 2.22 -13.23
C GLN A 60 11.72 1.07 -14.23
N ALA A 61 10.94 0.06 -13.87
CA ALA A 61 10.73 -1.10 -14.73
C ALA A 61 9.25 -1.32 -15.01
N ALA A 62 8.92 -2.47 -15.59
CA ALA A 62 7.54 -2.79 -15.91
C ALA A 62 6.98 -3.81 -14.92
N HIS A 63 5.69 -4.12 -15.05
CA HIS A 63 5.03 -5.08 -14.17
C HIS A 63 3.98 -5.88 -14.92
CD CD B . 6.22 0.05 -5.64
CD CD C . 2.42 1.27 -7.31
CD CD D . 3.75 -2.29 -8.30
N MET A 1 0.42 -7.21 7.80
CA MET A 1 -1.03 -7.32 7.71
C MET A 1 -1.70 -6.39 8.71
N VAL A 2 -2.67 -5.60 8.23
CA VAL A 2 -3.40 -4.68 9.09
C VAL A 2 -2.47 -3.58 9.63
N CYS A 3 -3.04 -2.43 9.94
CA CYS A 3 -2.27 -1.31 10.46
C CYS A 3 -2.18 -1.37 11.99
N LYS A 4 -1.33 -2.25 12.49
CA LYS A 4 -1.16 -2.41 13.92
C LYS A 4 -0.22 -1.32 14.44
N CYS A 5 0.00 -0.33 13.59
CA CYS A 5 0.89 0.79 13.93
C CYS A 5 2.33 0.31 14.09
N ASP A 6 3.26 1.23 13.91
CA ASP A 6 4.68 0.89 14.03
C ASP A 6 5.03 -0.15 12.96
N CYS A 7 4.35 -0.05 11.83
CA CYS A 7 4.57 -0.96 10.72
C CYS A 7 5.31 -0.27 9.58
N LYS A 8 5.25 -0.86 8.40
CA LYS A 8 5.92 -0.29 7.24
C LYS A 8 4.94 -0.24 6.06
N ASN A 9 4.96 0.89 5.37
CA ASN A 9 4.08 1.09 4.21
C ASN A 9 2.62 1.14 4.63
N GLN A 10 2.05 2.33 4.62
CA GLN A 10 0.65 2.51 5.01
C GLN A 10 0.07 3.77 4.38
N ASN A 11 -1.13 4.14 4.81
CA ASN A 11 -1.80 5.33 4.29
C ASN A 11 -2.71 5.96 5.35
N CYS A 12 -2.24 5.94 6.60
CA CYS A 12 -3.01 6.51 7.69
C CYS A 12 -2.12 6.76 8.91
N SER A 13 -2.24 7.95 9.49
CA SER A 13 -1.45 8.31 10.65
C SER A 13 -2.13 7.87 11.94
N CYS A 14 -2.99 6.88 11.83
CA CYS A 14 -3.72 6.35 13.00
C CYS A 14 -4.47 7.48 13.70
N ASN A 15 -5.12 8.34 12.91
CA ASN A 15 -5.88 9.45 13.47
C ASN A 15 -6.77 10.09 12.41
N THR A 16 -6.25 10.16 11.18
CA THR A 16 -6.99 10.75 10.07
C THR A 16 -8.05 9.78 9.54
N GLY A 17 -8.96 9.37 10.42
CA GLY A 17 -10.01 8.45 10.01
C GLY A 17 -9.82 7.07 10.61
N THR A 18 -9.07 6.22 9.93
CA THR A 18 -8.82 4.86 10.40
C THR A 18 -7.81 4.85 11.54
N LYS A 19 -8.23 5.37 12.69
CA LYS A 19 -7.35 5.41 13.85
C LYS A 19 -6.81 4.00 14.12
N ASP A 20 -7.57 3.25 14.91
CA ASP A 20 -7.17 1.89 15.25
C ASP A 20 -7.00 1.08 13.97
N CYS A 21 -6.61 -0.18 14.15
CA CYS A 21 -6.40 -1.08 13.03
C CYS A 21 -7.69 -1.84 12.69
N ASP A 22 -8.76 -1.10 12.48
CA ASP A 22 -10.04 -1.71 12.15
C ASP A 22 -9.98 -2.27 10.74
N CYS A 23 -8.96 -1.85 9.99
CA CYS A 23 -8.77 -2.29 8.63
C CYS A 23 -8.91 -3.81 8.52
N SER A 24 -9.27 -4.29 7.33
CA SER A 24 -9.44 -5.71 7.10
C SER A 24 -9.85 -5.99 5.66
N ASP A 25 -9.63 -7.22 5.21
CA ASP A 25 -9.98 -7.59 3.85
C ASP A 25 -9.17 -6.75 2.88
N ALA A 26 -7.88 -6.62 3.18
CA ALA A 26 -6.96 -5.86 2.34
C ALA A 26 -7.34 -4.38 2.32
N LYS A 27 -6.76 -3.62 3.23
CA LYS A 27 -7.06 -2.19 3.31
C LYS A 27 -6.19 -1.56 4.39
N CYS A 28 -5.51 -0.48 4.02
CA CYS A 28 -4.63 0.24 4.94
C CYS A 28 -3.49 -0.65 5.40
N CYS A 29 -2.31 -0.05 5.56
CA CYS A 29 -1.13 -0.79 6.00
C CYS A 29 -0.96 -2.08 5.20
N GLU A 30 -0.79 -1.95 3.89
CA GLU A 30 -0.62 -3.10 3.03
C GLU A 30 0.74 -3.06 2.34
N GLN A 31 1.04 -4.13 1.61
CA GLN A 31 2.30 -4.23 0.88
C GLN A 31 2.21 -3.55 -0.47
N TYR A 32 1.75 -2.30 -0.48
CA TYR A 32 1.62 -1.53 -1.71
C TYR A 32 2.97 -1.35 -2.39
N CYS A 33 4.04 -1.55 -1.62
CA CYS A 33 5.39 -1.40 -2.14
C CYS A 33 5.75 0.08 -2.30
N CYS A 34 4.97 0.78 -3.11
CA CYS A 34 5.21 2.21 -3.35
C CYS A 34 4.04 3.04 -2.86
N PRO A 35 4.29 4.34 -2.60
CA PRO A 35 3.27 5.27 -2.12
C PRO A 35 2.23 5.58 -3.19
N THR A 36 2.56 5.28 -4.44
CA THR A 36 1.65 5.53 -5.55
C THR A 36 0.54 4.48 -5.61
N ALA A 37 0.57 3.54 -4.67
CA ALA A 37 -0.42 2.47 -4.62
C ALA A 37 -1.21 2.53 -3.32
N SER A 38 -0.71 3.30 -2.36
CA SER A 38 -1.37 3.43 -1.06
C SER A 38 -2.62 4.30 -1.18
N GLU A 39 -2.64 5.16 -2.18
CA GLU A 39 -3.79 6.04 -2.39
C GLU A 39 -3.99 6.30 -3.88
N LYS A 40 -3.82 5.24 -4.67
CA LYS A 40 -3.98 5.34 -6.10
C LYS A 40 -4.30 3.95 -6.68
N LYS A 41 -3.66 2.96 -6.11
CA LYS A 41 -3.86 1.58 -6.55
C LYS A 41 -3.14 1.37 -7.87
N CYS A 42 -2.00 2.03 -8.01
CA CYS A 42 -1.19 1.93 -9.22
C CYS A 42 -0.95 0.46 -9.59
N CYS A 43 -0.89 -0.39 -8.58
CA CYS A 43 -0.66 -1.81 -8.79
C CYS A 43 -1.39 -2.65 -7.75
N LYS A 44 -1.61 -3.93 -8.06
CA LYS A 44 -2.30 -4.81 -7.15
C LYS A 44 -1.52 -4.88 -5.83
N SER A 45 -2.27 -4.72 -4.74
CA SER A 45 -1.69 -4.75 -3.40
C SER A 45 -1.02 -6.09 -3.13
N GLY A 46 -0.03 -6.09 -2.24
CA GLY A 46 0.67 -7.32 -1.91
C GLY A 46 2.07 -7.35 -2.48
N CYS A 47 2.38 -6.39 -3.35
CA CYS A 47 3.70 -6.32 -3.97
C CYS A 47 4.79 -6.22 -2.92
N ALA A 48 5.42 -7.35 -2.61
CA ALA A 48 6.48 -7.38 -1.61
C ALA A 48 7.84 -7.13 -2.26
N GLY A 49 7.95 -6.02 -2.98
CA GLY A 49 9.20 -5.68 -3.64
C GLY A 49 9.18 -6.02 -5.12
N GLY A 50 8.64 -7.18 -5.47
CA GLY A 50 8.59 -7.59 -6.85
C GLY A 50 7.47 -6.90 -7.61
N CYS A 51 7.52 -5.58 -7.64
CA CYS A 51 6.50 -4.80 -8.34
C CYS A 51 6.45 -5.17 -9.82
N LYS A 52 7.61 -5.18 -10.46
CA LYS A 52 7.68 -5.51 -11.86
C LYS A 52 6.55 -4.80 -12.62
N CYS A 53 6.31 -3.55 -12.21
CA CYS A 53 5.26 -2.75 -12.83
C CYS A 53 5.86 -1.66 -13.69
N ALA A 54 5.00 -0.90 -14.38
CA ALA A 54 5.46 0.17 -15.25
C ALA A 54 4.45 1.32 -15.26
N ASN A 55 3.54 1.32 -14.29
CA ASN A 55 2.52 2.36 -14.20
C ASN A 55 2.50 2.98 -12.81
N CYS A 56 3.38 2.49 -11.94
CA CYS A 56 3.47 2.99 -10.56
C CYS A 56 4.79 3.72 -10.34
N GLU A 57 5.10 3.99 -9.08
CA GLU A 57 6.34 4.68 -8.74
C GLU A 57 7.54 3.91 -9.29
N CYS A 58 7.39 2.59 -9.35
CA CYS A 58 8.44 1.72 -9.86
C CYS A 58 8.32 1.54 -11.37
N ALA A 59 8.19 2.65 -12.08
CA ALA A 59 8.07 2.61 -13.53
C ALA A 59 9.30 2.00 -14.17
N GLN A 60 9.18 0.75 -14.61
CA GLN A 60 10.29 0.04 -15.24
C GLN A 60 9.81 -0.75 -16.45
N ALA A 61 8.92 -1.70 -16.22
CA ALA A 61 8.39 -2.52 -17.29
C ALA A 61 7.32 -3.49 -16.77
N ALA A 62 6.50 -4.00 -17.68
CA ALA A 62 5.44 -4.94 -17.30
C ALA A 62 4.41 -4.26 -16.40
N HIS A 63 3.21 -4.82 -16.38
CA HIS A 63 2.12 -4.28 -15.56
C HIS A 63 1.96 -2.78 -15.80
CD CD B . 6.78 -0.75 -5.99
CD CD C . 3.13 0.40 -7.55
CD CD D . 3.25 -3.43 -8.11
N MET A 1 -12.48 -6.65 8.78
CA MET A 1 -12.35 -5.20 8.67
C MET A 1 -11.11 -4.71 9.40
N VAL A 2 -10.28 -3.94 8.68
CA VAL A 2 -9.05 -3.40 9.26
C VAL A 2 -8.07 -4.51 9.60
N CYS A 3 -6.79 -4.23 9.46
CA CYS A 3 -5.75 -5.21 9.75
C CYS A 3 -4.65 -4.60 10.61
N LYS A 4 -5.06 -3.77 11.58
CA LYS A 4 -4.10 -3.14 12.47
C LYS A 4 -3.28 -4.21 13.19
N CYS A 5 -2.11 -4.48 12.64
CA CYS A 5 -1.21 -5.48 13.21
C CYS A 5 0.12 -5.51 12.46
N ASP A 6 1.19 -5.14 13.14
CA ASP A 6 2.50 -5.13 12.53
C ASP A 6 2.42 -4.44 11.16
N CYS A 7 2.19 -3.13 11.21
CA CYS A 7 2.08 -2.32 10.00
C CYS A 7 3.37 -2.41 9.17
N LYS A 8 3.40 -1.67 8.07
CA LYS A 8 4.56 -1.68 7.20
C LYS A 8 4.47 -0.51 6.22
N ASN A 9 5.60 0.18 6.06
CA ASN A 9 5.67 1.32 5.15
C ASN A 9 4.79 2.46 5.66
N GLN A 10 4.60 3.47 4.81
CA GLN A 10 3.79 4.63 5.17
C GLN A 10 2.34 4.42 4.75
N ASN A 11 1.45 5.22 5.31
CA ASN A 11 0.02 5.13 4.99
C ASN A 11 -0.44 3.67 4.96
N CYS A 12 -0.16 2.96 6.05
CA CYS A 12 -0.55 1.56 6.16
C CYS A 12 -1.83 1.41 6.96
N SER A 13 -1.71 1.47 8.28
CA SER A 13 -2.86 1.33 9.16
C SER A 13 -2.74 2.27 10.37
N CYS A 14 -1.89 1.89 11.32
CA CYS A 14 -1.68 2.69 12.53
C CYS A 14 -0.21 3.07 12.67
N ASN A 15 0.04 4.21 13.33
CA ASN A 15 1.39 4.70 13.53
C ASN A 15 2.05 5.03 12.19
N THR A 16 1.38 5.85 11.39
CA THR A 16 1.89 6.25 10.10
C THR A 16 0.88 7.11 9.35
N GLY A 17 1.18 8.40 9.23
CA GLY A 17 0.29 9.32 8.53
C GLY A 17 -1.09 9.36 9.16
N THR A 18 -2.02 8.59 8.59
CA THR A 18 -3.39 8.54 9.09
C THR A 18 -3.41 8.31 10.60
N LYS A 19 -4.30 9.01 11.29
CA LYS A 19 -4.42 8.87 12.72
C LYS A 19 -4.43 7.39 13.09
N ASP A 20 -5.40 6.68 12.52
CA ASP A 20 -5.53 5.26 12.77
C ASP A 20 -5.91 4.54 11.48
N CYS A 21 -5.89 3.22 11.53
CA CYS A 21 -6.21 2.39 10.38
C CYS A 21 -7.45 2.92 9.66
N ASP A 22 -7.23 3.55 8.52
CA ASP A 22 -8.34 4.10 7.74
C ASP A 22 -8.90 3.02 6.82
N CYS A 23 -8.50 1.78 7.09
CA CYS A 23 -8.95 0.64 6.29
C CYS A 23 -10.43 0.35 6.54
N SER A 24 -11.07 -0.30 5.58
CA SER A 24 -12.48 -0.62 5.69
C SER A 24 -12.96 -1.37 4.45
N ASP A 25 -12.38 -1.04 3.31
CA ASP A 25 -12.76 -1.68 2.05
C ASP A 25 -11.60 -1.58 1.07
N ALA A 26 -10.39 -1.51 1.62
CA ALA A 26 -9.18 -1.42 0.81
C ALA A 26 -8.24 -2.58 1.11
N LYS A 27 -8.38 -3.16 2.30
CA LYS A 27 -7.52 -4.27 2.69
C LYS A 27 -6.09 -3.77 2.88
N CYS A 28 -5.96 -2.68 3.62
CA CYS A 28 -4.66 -2.08 3.89
C CYS A 28 -3.77 -3.05 4.67
N CYS A 29 -2.73 -2.51 5.29
CA CYS A 29 -1.80 -3.32 6.06
C CYS A 29 -1.03 -4.29 5.16
N GLU A 30 -0.83 -3.89 3.90
CA GLU A 30 -0.12 -4.72 2.96
C GLU A 30 1.20 -4.06 2.55
N GLN A 31 2.02 -4.84 1.85
CA GLN A 31 3.32 -4.35 1.38
C GLN A 31 3.22 -3.76 -0.02
N TYR A 32 3.30 -2.44 -0.11
CA TYR A 32 3.21 -1.76 -1.41
C TYR A 32 4.60 -1.50 -1.98
N CYS A 33 4.65 -1.08 -3.24
CA CYS A 33 5.91 -0.79 -3.89
C CYS A 33 6.11 0.71 -4.07
N CYS A 34 5.07 1.38 -4.56
CA CYS A 34 5.13 2.83 -4.78
C CYS A 34 4.16 3.56 -3.85
N PRO A 35 4.36 4.87 -3.70
CA PRO A 35 3.51 5.71 -2.85
C PRO A 35 2.11 5.89 -3.43
N THR A 36 1.94 5.49 -4.67
CA THR A 36 0.64 5.62 -5.35
C THR A 36 -0.20 4.37 -5.13
N ALA A 37 0.24 3.50 -4.22
CA ALA A 37 -0.48 2.27 -3.93
C ALA A 37 -0.79 2.17 -2.44
N SER A 38 0.09 2.72 -1.61
CA SER A 38 -0.09 2.68 -0.16
C SER A 38 -1.47 3.19 0.22
N GLU A 39 -2.01 4.09 -0.58
CA GLU A 39 -3.32 4.65 -0.32
C GLU A 39 -4.00 5.08 -1.62
N LYS A 40 -3.99 4.16 -2.57
CA LYS A 40 -4.59 4.43 -3.86
C LYS A 40 -4.99 3.11 -4.53
N LYS A 41 -4.11 2.12 -4.39
CA LYS A 41 -4.35 0.82 -4.96
C LYS A 41 -4.17 0.88 -6.48
N CYS A 42 -3.30 1.78 -6.90
CA CYS A 42 -3.00 1.96 -8.31
C CYS A 42 -2.67 0.63 -8.97
N CYS A 43 -1.99 -0.23 -8.24
CA CYS A 43 -1.61 -1.54 -8.75
C CYS A 43 -1.81 -2.63 -7.71
N LYS A 44 -1.76 -3.88 -8.14
CA LYS A 44 -1.95 -4.99 -7.23
C LYS A 44 -1.02 -4.83 -6.03
N SER A 45 -1.60 -4.95 -4.84
CA SER A 45 -0.84 -4.83 -3.61
C SER A 45 0.07 -6.04 -3.39
N GLY A 46 1.31 -5.78 -3.01
CA GLY A 46 2.25 -6.86 -2.77
C GLY A 46 3.52 -6.71 -3.61
N CYS A 47 3.53 -5.71 -4.48
CA CYS A 47 4.69 -5.46 -5.34
C CYS A 47 5.97 -5.39 -4.52
N ALA A 48 6.78 -6.43 -4.61
CA ALA A 48 8.04 -6.49 -3.88
C ALA A 48 9.22 -6.18 -4.80
N GLY A 49 9.14 -5.07 -5.52
CA GLY A 49 10.20 -4.70 -6.43
C GLY A 49 9.74 -3.71 -7.49
N GLY A 50 10.13 -3.98 -8.74
CA GLY A 50 9.74 -3.10 -9.83
C GLY A 50 8.24 -2.87 -9.89
N CYS A 51 7.48 -3.83 -9.36
CA CYS A 51 6.02 -3.72 -9.36
C CYS A 51 5.44 -4.04 -10.73
N LYS A 52 6.24 -3.83 -11.77
CA LYS A 52 5.80 -4.11 -13.13
C LYS A 52 4.32 -3.69 -13.27
N CYS A 53 4.13 -2.40 -13.49
CA CYS A 53 2.79 -1.84 -13.65
C CYS A 53 2.83 -0.53 -14.43
N ALA A 54 2.62 -0.62 -15.73
CA ALA A 54 2.63 0.56 -16.60
C ALA A 54 1.33 1.35 -16.46
N ASN A 55 1.02 1.76 -15.23
CA ASN A 55 -0.19 2.52 -14.97
C ASN A 55 -0.02 3.41 -13.75
N CYS A 56 0.68 2.90 -12.74
CA CYS A 56 0.92 3.65 -11.51
C CYS A 56 2.20 4.46 -11.61
N GLU A 57 2.65 5.00 -10.49
CA GLU A 57 3.87 5.80 -10.46
C GLU A 57 5.03 5.01 -11.07
N CYS A 58 4.93 3.68 -10.95
CA CYS A 58 5.96 2.80 -11.47
C CYS A 58 5.62 2.33 -12.88
N ALA A 59 6.55 1.64 -13.52
CA ALA A 59 6.35 1.14 -14.87
C ALA A 59 7.55 0.34 -15.35
N GLN A 60 7.30 -0.82 -15.92
CA GLN A 60 8.36 -1.68 -16.42
C GLN A 60 7.88 -2.52 -17.60
N ALA A 61 7.02 -3.49 -17.32
CA ALA A 61 6.48 -4.36 -18.36
C ALA A 61 5.48 -5.36 -17.77
N ALA A 62 4.21 -4.99 -17.79
CA ALA A 62 3.16 -5.85 -17.26
C ALA A 62 1.78 -5.22 -17.44
N HIS A 63 1.48 -4.23 -16.60
CA HIS A 63 0.20 -3.54 -16.67
C HIS A 63 0.34 -2.18 -17.36
CD CD B . 5.76 0.13 -8.34
CD CD C . 1.87 1.15 -8.02
CD CD D . 2.88 -2.42 -9.17
N MET A 1 -7.41 -9.92 7.37
CA MET A 1 -7.95 -8.66 6.88
C MET A 1 -7.30 -7.47 7.60
N VAL A 2 -7.17 -6.35 6.90
CA VAL A 2 -6.57 -5.16 7.47
C VAL A 2 -5.09 -5.37 7.76
N CYS A 3 -4.30 -4.32 7.58
CA CYS A 3 -2.86 -4.39 7.82
C CYS A 3 -2.55 -4.22 9.30
N LYS A 4 -3.52 -3.72 10.04
CA LYS A 4 -3.34 -3.50 11.47
C LYS A 4 -2.21 -2.51 11.69
N CYS A 5 -2.17 -1.50 10.82
CA CYS A 5 -1.14 -0.46 10.91
C CYS A 5 0.24 -1.04 10.63
N ASP A 6 1.24 -0.18 10.59
CA ASP A 6 2.60 -0.61 10.34
C ASP A 6 2.64 -1.40 9.03
N CYS A 7 2.74 -0.66 7.93
CA CYS A 7 2.79 -1.27 6.61
C CYS A 7 3.82 -0.57 5.73
N LYS A 8 4.73 0.16 6.36
CA LYS A 8 5.77 0.87 5.63
C LYS A 8 5.12 1.65 4.46
N ASN A 9 4.33 2.65 4.83
CA ASN A 9 3.64 3.48 3.85
C ASN A 9 2.90 4.64 4.53
N GLN A 10 1.92 5.18 3.85
CA GLN A 10 1.14 6.29 4.39
C GLN A 10 0.65 5.99 5.79
N ASN A 11 0.07 6.99 6.45
CA ASN A 11 -0.44 6.82 7.81
C ASN A 11 -1.66 7.70 8.04
N CYS A 12 -2.60 7.66 7.10
CA CYS A 12 -3.82 8.46 7.20
C CYS A 12 -4.41 8.35 8.60
N SER A 13 -4.10 9.34 9.44
CA SER A 13 -4.60 9.36 10.81
C SER A 13 -4.47 7.98 11.46
N CYS A 14 -3.45 7.24 11.05
CA CYS A 14 -3.21 5.91 11.59
C CYS A 14 -1.76 5.75 12.04
N ASN A 15 -1.20 6.83 12.58
CA ASN A 15 0.18 6.81 13.05
C ASN A 15 0.57 8.17 13.63
N THR A 16 1.75 8.23 14.23
CA THR A 16 2.25 9.47 14.83
C THR A 16 1.27 10.01 15.86
N GLY A 17 0.43 9.11 16.39
CA GLY A 17 -0.55 9.52 17.39
C GLY A 17 -1.82 8.71 17.32
N THR A 18 -1.68 7.41 17.06
CA THR A 18 -2.83 6.52 16.96
C THR A 18 -2.56 5.19 17.65
N LYS A 19 -3.62 4.47 17.99
CA LYS A 19 -3.48 3.20 18.65
C LYS A 19 -2.99 2.15 17.64
N ASP A 20 -3.96 1.51 16.99
CA ASP A 20 -3.64 0.49 16.01
C ASP A 20 -4.70 0.52 14.90
N CYS A 21 -4.24 0.76 13.68
CA CYS A 21 -5.13 0.81 12.53
C CYS A 21 -6.39 1.60 12.85
N ASP A 22 -6.26 2.92 12.91
CA ASP A 22 -7.41 3.77 13.22
C ASP A 22 -8.53 3.47 12.23
N CYS A 23 -8.14 3.06 11.03
CA CYS A 23 -9.10 2.73 9.99
C CYS A 23 -9.68 1.34 10.20
N SER A 24 -10.74 1.02 9.46
CA SER A 24 -11.39 -0.28 9.56
C SER A 24 -12.49 -0.43 8.52
N ASP A 25 -12.10 -0.64 7.27
CA ASP A 25 -13.05 -0.79 6.20
C ASP A 25 -12.41 -1.57 5.04
N ALA A 26 -12.61 -2.87 5.06
CA ALA A 26 -12.06 -3.75 4.03
C ALA A 26 -10.52 -3.73 4.06
N LYS A 27 -9.92 -4.27 3.03
CA LYS A 27 -8.47 -4.31 2.94
C LYS A 27 -7.91 -2.91 3.19
N CYS A 28 -7.33 -2.74 4.37
CA CYS A 28 -6.75 -1.45 4.75
C CYS A 28 -5.43 -1.22 4.03
N CYS A 29 -4.65 -0.26 4.52
CA CYS A 29 -3.36 0.07 3.92
C CYS A 29 -2.58 -1.20 3.58
N GLU A 30 -2.01 -1.23 2.38
CA GLU A 30 -1.26 -2.39 1.94
C GLU A 30 0.14 -1.96 1.48
N GLN A 31 0.94 -2.96 1.10
CA GLN A 31 2.30 -2.70 0.63
C GLN A 31 2.29 -2.11 -0.77
N TYR A 32 1.64 -0.96 -0.91
CA TYR A 32 1.56 -0.28 -2.20
C TYR A 32 2.96 0.01 -2.75
N CYS A 33 3.93 0.07 -1.87
CA CYS A 33 5.31 0.35 -2.26
C CYS A 33 5.49 1.81 -2.61
N CYS A 34 4.74 2.27 -3.62
CA CYS A 34 4.82 3.65 -4.05
C CYS A 34 3.49 4.38 -3.82
N PRO A 35 3.56 5.71 -3.73
CA PRO A 35 2.38 6.55 -3.50
C PRO A 35 1.44 6.58 -4.70
N THR A 36 1.94 6.12 -5.85
CA THR A 36 1.15 6.08 -7.07
C THR A 36 0.16 4.93 -7.06
N ALA A 37 0.20 4.13 -6.00
CA ALA A 37 -0.70 3.00 -5.86
C ALA A 37 -1.57 3.13 -4.61
N SER A 38 -1.08 3.89 -3.64
CA SER A 38 -1.82 4.09 -2.39
C SER A 38 -3.24 4.53 -2.67
N GLU A 39 -3.44 5.23 -3.78
CA GLU A 39 -4.75 5.71 -4.14
C GLU A 39 -4.90 5.75 -5.66
N LYS A 40 -4.45 4.68 -6.30
CA LYS A 40 -4.53 4.58 -7.75
C LYS A 40 -4.55 3.11 -8.16
N LYS A 41 -3.78 2.32 -7.43
CA LYS A 41 -3.71 0.89 -7.70
C LYS A 41 -2.86 0.67 -8.95
N CYS A 42 -1.88 1.54 -9.14
CA CYS A 42 -0.99 1.47 -10.29
C CYS A 42 -0.39 0.07 -10.42
N CYS A 43 -0.23 -0.60 -9.28
CA CYS A 43 0.33 -1.95 -9.26
C CYS A 43 -0.43 -2.85 -8.29
N LYS A 44 -0.22 -4.15 -8.41
CA LYS A 44 -0.89 -5.10 -7.54
C LYS A 44 -0.45 -4.87 -6.10
N SER A 45 -1.44 -4.65 -5.23
CA SER A 45 -1.18 -4.40 -3.83
C SER A 45 -0.42 -5.57 -3.20
N GLY A 46 0.52 -5.26 -2.32
CA GLY A 46 1.31 -6.30 -1.67
C GLY A 46 2.77 -6.24 -2.05
N CYS A 47 3.17 -5.18 -2.75
CA CYS A 47 4.55 -5.02 -3.18
C CYS A 47 5.41 -4.49 -2.04
N ALA A 48 6.18 -5.38 -1.42
CA ALA A 48 7.05 -5.00 -0.33
C ALA A 48 8.47 -4.71 -0.81
N GLY A 49 8.58 -3.84 -1.81
CA GLY A 49 9.89 -3.50 -2.34
C GLY A 49 10.07 -3.98 -3.77
N GLY A 50 9.86 -5.28 -3.98
CA GLY A 50 10.00 -5.85 -5.32
C GLY A 50 8.82 -5.54 -6.21
N CYS A 51 8.57 -4.25 -6.42
CA CYS A 51 7.45 -3.83 -7.26
C CYS A 51 7.52 -4.48 -8.64
N LYS A 52 8.67 -4.35 -9.29
CA LYS A 52 8.84 -4.94 -10.60
C LYS A 52 7.61 -4.68 -11.46
N CYS A 53 7.07 -3.47 -11.30
CA CYS A 53 5.87 -3.05 -12.03
C CYS A 53 6.21 -1.96 -13.04
N ALA A 54 6.42 -2.35 -14.29
CA ALA A 54 6.75 -1.40 -15.34
C ALA A 54 5.51 -0.62 -15.78
N ASN A 55 4.93 0.11 -14.84
CA ASN A 55 3.74 0.90 -15.13
C ASN A 55 3.53 1.98 -14.07
N CYS A 56 3.84 1.64 -12.82
CA CYS A 56 3.69 2.58 -11.71
C CYS A 56 4.82 3.59 -11.70
N GLU A 57 4.94 4.32 -10.60
CA GLU A 57 5.98 5.32 -10.47
C GLU A 57 7.35 4.69 -10.74
N CYS A 58 7.67 3.68 -9.94
CA CYS A 58 8.94 2.98 -10.07
C CYS A 58 8.82 1.81 -11.04
N ALA A 59 9.92 1.09 -11.24
CA ALA A 59 9.94 -0.05 -12.14
C ALA A 59 9.66 0.39 -13.58
N GLN A 60 10.16 -0.39 -14.54
CA GLN A 60 9.95 -0.08 -15.95
C GLN A 60 10.45 -1.23 -16.83
N ALA A 61 10.36 -2.45 -16.31
CA ALA A 61 10.78 -3.64 -17.05
C ALA A 61 9.61 -4.56 -17.32
N ALA A 62 9.20 -5.31 -16.30
CA ALA A 62 8.09 -6.25 -16.43
C ALA A 62 6.90 -5.80 -15.58
N HIS A 63 5.74 -6.40 -15.84
CA HIS A 63 4.52 -6.06 -15.10
C HIS A 63 4.28 -4.56 -15.10
CD CD B . 6.92 0.51 -6.12
CD CD C . 3.42 0.98 -8.04
CD CD D . 3.84 -2.96 -7.58
N MET A 1 -10.22 -7.91 5.96
CA MET A 1 -10.80 -7.10 7.01
C MET A 1 -9.72 -6.32 7.77
N VAL A 2 -9.23 -5.26 7.14
CA VAL A 2 -8.19 -4.43 7.75
C VAL A 2 -6.88 -5.20 7.89
N CYS A 3 -5.77 -4.51 7.63
CA CYS A 3 -4.46 -5.13 7.72
C CYS A 3 -3.58 -4.40 8.73
N LYS A 4 -3.33 -5.04 9.86
CA LYS A 4 -2.52 -4.44 10.90
C LYS A 4 -1.21 -3.95 10.29
N CYS A 5 -0.41 -4.90 9.82
CA CYS A 5 0.88 -4.59 9.19
C CYS A 5 1.64 -3.57 10.03
N ASP A 6 2.68 -2.99 9.43
CA ASP A 6 3.48 -2.00 10.13
C ASP A 6 3.16 -0.61 9.57
N CYS A 7 2.77 -0.59 8.30
CA CYS A 7 2.44 0.66 7.63
C CYS A 7 3.67 1.54 7.47
N LYS A 8 3.95 1.96 6.24
CA LYS A 8 5.09 2.80 5.98
C LYS A 8 4.98 3.38 4.57
N ASN A 9 4.60 2.52 3.64
CA ASN A 9 4.45 2.92 2.25
C ASN A 9 3.16 3.71 2.04
N GLN A 10 2.36 3.80 3.11
CA GLN A 10 1.10 4.54 3.04
C GLN A 10 0.68 5.01 4.43
N ASN A 11 -0.32 5.89 4.48
CA ASN A 11 -0.81 6.42 5.74
C ASN A 11 -2.27 6.84 5.63
N CYS A 12 -3.05 6.03 4.92
CA CYS A 12 -4.48 6.31 4.74
C CYS A 12 -5.20 6.37 6.08
N SER A 13 -4.58 5.80 7.10
CA SER A 13 -5.17 5.78 8.44
C SER A 13 -4.25 5.06 9.43
N CYS A 14 -2.97 5.42 9.42
CA CYS A 14 -2.00 4.80 10.31
C CYS A 14 -1.00 5.84 10.81
N ASN A 15 -0.51 6.68 9.91
CA ASN A 15 0.47 7.71 10.26
C ASN A 15 -0.24 8.96 10.79
N THR A 16 0.54 9.90 11.31
CA THR A 16 -0.01 11.13 11.85
C THR A 16 -1.30 10.88 12.62
N GLY A 17 -1.32 9.78 13.38
CA GLY A 17 -2.49 9.44 14.16
C GLY A 17 -3.08 8.11 13.76
N THR A 18 -4.19 7.73 14.41
CA THR A 18 -4.85 6.47 14.12
C THR A 18 -3.83 5.36 13.90
N LYS A 19 -2.85 5.27 14.79
CA LYS A 19 -1.83 4.25 14.68
C LYS A 19 -2.50 2.88 14.49
N ASP A 20 -3.12 2.42 15.56
CA ASP A 20 -3.79 1.13 15.52
C ASP A 20 -4.60 1.02 14.22
N CYS A 21 -4.61 -0.18 13.66
CA CYS A 21 -5.32 -0.45 12.42
C CYS A 21 -6.82 -0.59 12.69
N ASP A 22 -7.41 0.45 13.27
CA ASP A 22 -8.83 0.43 13.57
C ASP A 22 -9.61 0.83 12.32
N CYS A 23 -8.96 1.63 11.47
CA CYS A 23 -9.57 2.10 10.23
C CYS A 23 -10.17 0.94 9.45
N SER A 24 -11.37 1.16 8.92
CA SER A 24 -12.06 0.12 8.15
C SER A 24 -12.83 0.74 6.98
N ASP A 25 -12.45 0.38 5.76
CA ASP A 25 -13.11 0.90 4.59
C ASP A 25 -12.75 0.03 3.37
N ALA A 26 -12.58 -1.26 3.64
CA ALA A 26 -12.23 -2.21 2.60
C ALA A 26 -11.01 -1.74 1.80
N LYS A 27 -10.07 -1.12 2.50
CA LYS A 27 -8.87 -0.62 1.85
C LYS A 27 -7.93 -0.05 2.90
N CYS A 28 -7.47 -0.93 3.78
CA CYS A 28 -6.56 -0.54 4.86
C CYS A 28 -5.11 -0.56 4.37
N CYS A 29 -4.18 -0.41 5.30
CA CYS A 29 -2.76 -0.40 4.98
C CYS A 29 -2.30 -1.79 4.52
N GLU A 30 -1.85 -1.87 3.27
CA GLU A 30 -1.39 -3.14 2.72
C GLU A 30 0.05 -3.00 2.23
N GLN A 31 0.60 -4.14 1.81
CA GLN A 31 1.97 -4.18 1.30
C GLN A 31 2.03 -3.72 -0.15
N TYR A 32 1.58 -2.50 -0.41
CA TYR A 32 1.59 -1.95 -1.76
C TYR A 32 3.01 -1.86 -2.31
N CYS A 33 3.99 -1.94 -1.42
CA CYS A 33 5.39 -1.87 -1.81
C CYS A 33 5.77 -0.45 -2.21
N CYS A 34 5.09 0.08 -3.22
CA CYS A 34 5.35 1.43 -3.69
C CYS A 34 4.23 2.39 -3.30
N PRO A 35 4.55 3.67 -3.14
CA PRO A 35 3.59 4.70 -2.77
C PRO A 35 2.60 5.00 -3.89
N THR A 36 3.00 4.69 -5.12
CA THR A 36 2.15 4.92 -6.29
C THR A 36 1.15 3.78 -6.48
N ALA A 37 1.12 2.86 -5.52
CA ALA A 37 0.21 1.73 -5.58
C ALA A 37 -0.83 1.80 -4.45
N SER A 38 -0.44 2.39 -3.34
CA SER A 38 -1.34 2.52 -2.19
C SER A 38 -2.37 3.61 -2.43
N GLU A 39 -2.22 4.33 -3.54
CA GLU A 39 -3.15 5.40 -3.86
C GLU A 39 -3.29 5.52 -5.39
N LYS A 40 -3.25 4.38 -6.05
CA LYS A 40 -3.37 4.35 -7.50
C LYS A 40 -3.71 2.93 -7.95
N LYS A 41 -3.11 1.97 -7.27
CA LYS A 41 -3.33 0.57 -7.60
C LYS A 41 -2.57 0.22 -8.88
N CYS A 42 -1.43 0.87 -9.04
CA CYS A 42 -0.58 0.65 -10.22
C CYS A 42 -0.34 -0.83 -10.43
N CYS A 43 -0.22 -1.58 -9.34
CA CYS A 43 0.01 -3.02 -9.40
C CYS A 43 -0.78 -3.75 -8.33
N LYS A 44 -0.89 -5.07 -8.48
CA LYS A 44 -1.63 -5.87 -7.51
C LYS A 44 -0.91 -5.82 -6.17
N SER A 45 -1.70 -5.64 -5.11
CA SER A 45 -1.16 -5.57 -3.76
C SER A 45 -0.51 -6.89 -3.37
N GLY A 46 0.35 -6.85 -2.35
CA GLY A 46 1.03 -8.03 -1.90
C GLY A 46 2.53 -7.96 -2.09
N CYS A 47 2.97 -7.00 -2.89
CA CYS A 47 4.39 -6.83 -3.16
C CYS A 47 5.17 -6.57 -1.87
N ALA A 48 6.01 -7.53 -1.49
CA ALA A 48 6.81 -7.42 -0.28
C ALA A 48 8.28 -7.18 -0.60
N GLY A 49 8.54 -6.22 -1.48
CA GLY A 49 9.91 -5.92 -1.87
C GLY A 49 10.01 -5.31 -3.24
N GLY A 50 10.80 -5.92 -4.11
CA GLY A 50 10.96 -5.42 -5.46
C GLY A 50 9.63 -5.17 -6.15
N CYS A 51 8.64 -5.98 -5.81
CA CYS A 51 7.31 -5.85 -6.41
C CYS A 51 7.29 -6.41 -7.82
N LYS A 52 8.47 -6.46 -8.45
CA LYS A 52 8.58 -6.98 -9.80
C LYS A 52 8.12 -5.90 -10.78
N CYS A 53 6.96 -5.32 -10.49
CA CYS A 53 6.39 -4.27 -11.34
C CYS A 53 7.19 -2.98 -11.22
N ALA A 54 8.19 -2.83 -12.07
CA ALA A 54 9.04 -1.63 -12.06
C ALA A 54 8.27 -0.42 -12.57
N ASN A 55 7.23 -0.67 -13.36
CA ASN A 55 6.42 0.41 -13.91
C ASN A 55 5.98 1.38 -12.82
N CYS A 56 5.80 0.85 -11.60
CA CYS A 56 5.38 1.67 -10.48
C CYS A 56 6.45 2.70 -10.12
N GLU A 57 6.36 3.26 -8.92
CA GLU A 57 7.31 4.25 -8.47
C GLU A 57 8.71 3.64 -8.41
N CYS A 58 8.75 2.31 -8.38
CA CYS A 58 10.00 1.58 -8.32
C CYS A 58 10.87 1.88 -9.55
N ALA A 59 10.23 2.39 -10.59
CA ALA A 59 10.94 2.72 -11.83
C ALA A 59 10.06 3.55 -12.76
N GLN A 60 10.42 3.60 -14.04
CA GLN A 60 9.67 4.36 -15.02
C GLN A 60 9.13 3.44 -16.12
N ALA A 61 7.83 3.14 -16.03
CA ALA A 61 7.19 2.28 -17.01
C ALA A 61 5.70 2.11 -16.70
N ALA A 62 5.07 1.18 -17.40
CA ALA A 62 3.65 0.91 -17.20
C ALA A 62 3.37 -0.59 -17.09
N HIS A 63 2.55 -0.96 -16.12
CA HIS A 63 2.21 -2.37 -15.91
C HIS A 63 1.37 -2.90 -17.07
CD CD B . 6.96 -1.89 -6.28
CD CD C . 3.19 -0.65 -7.55
CD CD D . 4.19 -4.53 -7.93
N MET A 1 -10.27 -7.69 13.01
CA MET A 1 -10.86 -6.50 13.62
C MET A 1 -10.13 -5.24 13.15
N VAL A 2 -9.98 -5.10 11.83
CA VAL A 2 -9.31 -3.94 11.26
C VAL A 2 -7.84 -3.91 11.66
N CYS A 3 -7.00 -3.40 10.76
CA CYS A 3 -5.57 -3.32 11.02
C CYS A 3 -4.96 -4.70 11.19
N LYS A 4 -3.74 -4.74 11.72
CA LYS A 4 -3.06 -6.01 11.93
C LYS A 4 -2.55 -6.54 10.58
N CYS A 5 -1.37 -6.06 10.20
CA CYS A 5 -0.76 -6.47 8.95
C CYS A 5 0.65 -5.90 8.82
N ASP A 6 1.37 -6.33 7.80
CA ASP A 6 2.74 -5.87 7.58
C ASP A 6 2.69 -4.44 7.01
N CYS A 7 2.40 -3.49 7.90
CA CYS A 7 2.32 -2.09 7.52
C CYS A 7 3.67 -1.58 7.02
N LYS A 8 3.90 -1.69 5.72
CA LYS A 8 5.15 -1.24 5.14
C LYS A 8 4.90 0.01 4.29
N ASN A 9 3.74 0.02 3.64
CA ASN A 9 3.35 1.14 2.79
C ASN A 9 3.06 2.38 3.63
N GLN A 10 2.64 3.45 2.97
CA GLN A 10 2.33 4.70 3.65
C GLN A 10 0.90 5.14 3.34
N ASN A 11 0.17 5.53 4.39
CA ASN A 11 -1.21 5.98 4.24
C ASN A 11 -1.96 5.09 3.26
N CYS A 12 -1.76 3.78 3.39
CA CYS A 12 -2.42 2.81 2.51
C CYS A 12 -3.92 3.08 2.44
N SER A 13 -4.57 3.07 3.60
CA SER A 13 -6.01 3.31 3.68
C SER A 13 -6.35 4.24 4.85
N CYS A 14 -5.32 4.74 5.51
CA CYS A 14 -5.50 5.64 6.65
C CYS A 14 -4.81 6.97 6.40
N ASN A 15 -5.20 7.64 5.31
CA ASN A 15 -4.62 8.94 4.97
C ASN A 15 -5.04 10.01 5.96
N THR A 16 -4.34 10.09 7.08
CA THR A 16 -4.65 11.07 8.11
C THR A 16 -3.66 10.98 9.27
N GLY A 17 -2.38 10.91 8.96
CA GLY A 17 -1.36 10.82 9.98
C GLY A 17 -1.63 9.70 10.97
N THR A 18 -1.41 8.47 10.53
CA THR A 18 -1.64 7.31 11.39
C THR A 18 -0.81 6.11 10.93
N LYS A 19 0.08 5.65 11.79
CA LYS A 19 0.93 4.51 11.46
C LYS A 19 0.07 3.27 11.32
N ASP A 20 -0.24 2.65 12.46
CA ASP A 20 -1.05 1.45 12.47
C ASP A 20 -2.35 1.71 11.69
N CYS A 21 -2.75 0.70 10.93
CA CYS A 21 -3.97 0.78 10.13
C CYS A 21 -5.14 1.27 10.97
N ASP A 22 -5.43 2.55 10.88
CA ASP A 22 -6.53 3.13 11.64
C ASP A 22 -7.61 3.63 10.68
N CYS A 23 -7.99 2.73 9.77
CA CYS A 23 -9.01 3.05 8.78
C CYS A 23 -10.35 2.43 9.15
N SER A 24 -11.44 2.99 8.62
CA SER A 24 -12.78 2.49 8.90
C SER A 24 -13.27 1.58 7.78
N ASP A 25 -14.57 1.33 7.77
CA ASP A 25 -15.16 0.48 6.75
C ASP A 25 -14.39 -0.84 6.69
N ALA A 26 -14.61 -1.57 5.59
CA ALA A 26 -13.96 -2.85 5.39
C ALA A 26 -12.48 -2.78 5.74
N LYS A 27 -12.03 -3.69 6.58
CA LYS A 27 -10.64 -3.72 6.99
C LYS A 27 -9.75 -3.68 5.75
N CYS A 28 -8.92 -2.64 5.67
CA CYS A 28 -8.01 -2.47 4.55
C CYS A 28 -6.89 -3.50 4.59
N CYS A 29 -5.91 -3.27 5.46
CA CYS A 29 -4.78 -4.19 5.60
C CYS A 29 -4.30 -4.66 4.23
N GLU A 30 -3.86 -3.72 3.42
CA GLU A 30 -3.37 -4.05 2.08
C GLU A 30 -1.86 -3.80 1.99
N GLN A 31 -1.26 -4.39 0.96
CA GLN A 31 0.17 -4.25 0.74
C GLN A 31 0.45 -3.48 -0.53
N TYR A 32 0.57 -2.15 -0.41
CA TYR A 32 0.84 -1.29 -1.55
C TYR A 32 2.34 -1.16 -1.80
N CYS A 33 3.11 -1.27 -0.73
CA CYS A 33 4.56 -1.16 -0.82
C CYS A 33 4.98 0.27 -1.14
N CYS A 34 4.53 0.79 -2.27
CA CYS A 34 4.86 2.15 -2.69
C CYS A 34 3.63 3.05 -2.62
N PRO A 35 3.86 4.37 -2.60
CA PRO A 35 2.78 5.36 -2.54
C PRO A 35 1.98 5.42 -3.83
N THR A 36 2.52 4.84 -4.89
CA THR A 36 1.86 4.83 -6.19
C THR A 36 0.90 3.63 -6.31
N ALA A 37 0.70 2.94 -5.20
CA ALA A 37 -0.20 1.79 -5.17
C ALA A 37 -1.37 2.01 -4.21
N SER A 38 -1.21 2.97 -3.31
CA SER A 38 -2.24 3.28 -2.33
C SER A 38 -3.32 4.16 -2.95
N GLU A 39 -2.94 4.93 -3.96
CA GLU A 39 -3.89 5.80 -4.63
C GLU A 39 -3.52 5.97 -6.10
N LYS A 40 -3.13 4.85 -6.71
CA LYS A 40 -2.75 4.86 -8.11
C LYS A 40 -2.91 3.44 -8.67
N LYS A 41 -2.50 2.46 -7.89
CA LYS A 41 -2.60 1.07 -8.29
C LYS A 41 -1.53 0.78 -9.35
N CYS A 42 -0.38 1.42 -9.17
CA CYS A 42 0.74 1.25 -10.09
C CYS A 42 1.08 -0.23 -10.26
N CYS A 43 0.78 -1.02 -9.23
CA CYS A 43 1.06 -2.45 -9.28
C CYS A 43 0.04 -3.22 -8.44
N LYS A 44 -0.16 -4.49 -8.77
CA LYS A 44 -1.10 -5.31 -8.05
C LYS A 44 -0.71 -5.36 -6.57
N SER A 45 -1.68 -5.02 -5.72
CA SER A 45 -1.46 -4.99 -4.28
C SER A 45 -1.10 -6.37 -3.77
N GLY A 46 -0.13 -6.43 -2.86
CA GLY A 46 0.30 -7.70 -2.30
C GLY A 46 1.80 -7.76 -2.08
N CYS A 47 2.54 -7.00 -2.88
CA CYS A 47 3.99 -6.98 -2.77
C CYS A 47 4.43 -6.72 -1.33
N ALA A 48 5.10 -7.70 -0.74
CA ALA A 48 5.57 -7.57 0.63
C ALA A 48 6.99 -7.03 0.67
N GLY A 49 7.23 -5.95 -0.07
CA GLY A 49 8.56 -5.35 -0.10
C GLY A 49 9.35 -5.75 -1.33
N GLY A 50 10.16 -4.83 -1.84
CA GLY A 50 10.95 -5.10 -3.02
C GLY A 50 10.12 -5.65 -4.16
N CYS A 51 9.18 -4.84 -4.65
CA CYS A 51 8.31 -5.25 -5.74
C CYS A 51 8.89 -4.81 -7.08
N LYS A 52 9.36 -3.58 -7.14
CA LYS A 52 9.93 -3.05 -8.36
C LYS A 52 9.20 -3.66 -9.57
N CYS A 53 8.02 -3.10 -9.85
CA CYS A 53 7.21 -3.57 -10.95
C CYS A 53 7.63 -2.92 -12.26
N ALA A 54 8.74 -2.18 -12.21
CA ALA A 54 9.27 -1.51 -13.39
C ALA A 54 8.20 -0.62 -14.03
N ASN A 55 7.19 -0.26 -13.24
CA ASN A 55 6.10 0.58 -13.73
C ASN A 55 5.42 1.31 -12.58
N CYS A 56 6.09 1.36 -11.44
CA CYS A 56 5.55 2.03 -10.26
C CYS A 56 6.55 3.02 -9.68
N GLU A 57 6.29 3.48 -8.47
CA GLU A 57 7.17 4.43 -7.82
C GLU A 57 8.63 3.98 -7.96
N CYS A 58 8.82 2.66 -7.89
CA CYS A 58 10.15 2.08 -8.01
C CYS A 58 10.52 1.86 -9.47
N ALA A 59 10.24 2.85 -10.31
CA ALA A 59 10.55 2.77 -11.72
C ALA A 59 10.12 4.04 -12.46
N GLN A 60 10.10 3.97 -13.78
CA GLN A 60 9.71 5.12 -14.59
C GLN A 60 8.55 4.76 -15.51
N ALA A 61 7.36 4.61 -14.92
CA ALA A 61 6.17 4.27 -15.69
C ALA A 61 4.93 4.20 -14.79
N ALA A 62 3.83 3.73 -15.36
CA ALA A 62 2.59 3.62 -14.60
C ALA A 62 1.68 2.55 -15.19
N HIS A 63 0.92 1.86 -14.34
CA HIS A 63 0.01 0.82 -14.77
C HIS A 63 -1.15 1.40 -15.57
CD CD B . 7.21 -0.91 -4.91
CD CD C . 4.30 -0.19 -7.24
CD CD D . 4.49 -4.00 -6.94
N MET A 1 -7.77 -6.85 14.22
CA MET A 1 -8.56 -5.62 14.22
C MET A 1 -8.11 -4.70 13.09
N VAL A 2 -7.65 -5.28 11.99
CA VAL A 2 -7.19 -4.52 10.84
C VAL A 2 -5.96 -3.70 11.19
N CYS A 3 -4.95 -3.75 10.32
CA CYS A 3 -3.72 -3.01 10.53
C CYS A 3 -3.30 -3.06 12.00
N LYS A 4 -2.64 -2.01 12.46
CA LYS A 4 -2.19 -1.94 13.84
C LYS A 4 -0.96 -2.83 14.01
N CYS A 5 0.11 -2.44 13.33
CA CYS A 5 1.37 -3.18 13.38
C CYS A 5 2.54 -2.29 12.98
N ASP A 6 3.70 -2.90 12.82
CA ASP A 6 4.89 -2.15 12.43
C ASP A 6 4.59 -1.34 11.17
N CYS A 7 3.74 -1.92 10.33
CA CYS A 7 3.35 -1.28 9.08
C CYS A 7 4.55 -1.13 8.15
N LYS A 8 4.28 -1.02 6.86
CA LYS A 8 5.33 -0.89 5.88
C LYS A 8 4.89 0.08 4.78
N ASN A 9 3.98 -0.40 3.94
CA ASN A 9 3.44 0.40 2.85
C ASN A 9 1.99 0.78 3.09
N GLN A 10 1.77 1.76 3.96
CA GLN A 10 0.43 2.21 4.29
C GLN A 10 0.44 3.65 4.79
N ASN A 11 -0.75 4.25 4.89
CA ASN A 11 -0.87 5.62 5.36
C ASN A 11 -2.23 5.86 6.02
N CYS A 12 -2.67 4.88 6.80
CA CYS A 12 -3.95 4.97 7.49
C CYS A 12 -3.76 5.46 8.92
N SER A 13 -3.48 4.54 9.84
CA SER A 13 -3.27 4.88 11.24
C SER A 13 -1.86 5.40 11.47
N CYS A 14 -0.95 5.05 10.57
CA CYS A 14 0.44 5.48 10.68
C CYS A 14 0.53 7.00 10.88
N ASN A 15 0.06 7.74 9.89
CA ASN A 15 0.08 9.20 9.96
C ASN A 15 -0.51 9.81 8.68
N THR A 16 -1.79 10.14 8.73
CA THR A 16 -2.47 10.74 7.58
C THR A 16 -3.76 11.43 8.01
N GLY A 17 -4.79 10.63 8.27
CA GLY A 17 -6.07 11.17 8.68
C GLY A 17 -7.06 10.10 9.08
N THR A 18 -6.59 9.12 9.85
CA THR A 18 -7.44 8.04 10.31
C THR A 18 -7.35 7.85 11.82
N LYS A 19 -8.49 7.89 12.48
CA LYS A 19 -8.53 7.72 13.92
C LYS A 19 -7.76 6.45 14.30
N ASP A 20 -8.17 5.35 13.72
CA ASP A 20 -7.52 4.07 13.98
C ASP A 20 -7.46 3.25 12.69
N CYS A 21 -7.17 1.97 12.86
CA CYS A 21 -7.06 1.05 11.72
C CYS A 21 -8.44 0.77 11.12
N ASP A 22 -9.07 1.81 10.58
CA ASP A 22 -10.39 1.65 9.99
C ASP A 22 -10.24 1.46 8.48
N CYS A 23 -9.23 0.69 8.10
CA CYS A 23 -8.96 0.41 6.69
C CYS A 23 -10.16 -0.25 6.03
N SER A 24 -10.09 -0.41 4.71
CA SER A 24 -11.18 -1.02 3.95
C SER A 24 -11.41 -2.45 4.41
N ASP A 25 -10.36 -3.25 4.37
CA ASP A 25 -10.46 -4.64 4.79
C ASP A 25 -9.12 -5.34 4.56
N ALA A 26 -9.07 -6.61 4.95
CA ALA A 26 -7.86 -7.40 4.80
C ALA A 26 -6.72 -6.85 5.65
N LYS A 27 -7.07 -6.01 6.61
CA LYS A 27 -6.07 -5.41 7.48
C LYS A 27 -5.34 -4.30 6.73
N CYS A 28 -5.61 -4.23 5.43
CA CYS A 28 -4.98 -3.22 4.58
C CYS A 28 -3.49 -3.47 4.44
N CYS A 29 -3.01 -4.53 5.09
CA CYS A 29 -1.60 -4.87 5.04
C CYS A 29 -1.28 -5.72 3.80
N GLU A 30 -1.17 -5.05 2.66
CA GLU A 30 -0.88 -5.76 1.42
C GLU A 30 0.51 -5.36 0.91
N GLN A 31 0.97 -6.10 -0.10
CA GLN A 31 2.27 -5.84 -0.70
C GLN A 31 2.16 -4.81 -1.82
N TYR A 32 1.82 -3.58 -1.46
CA TYR A 32 1.68 -2.50 -2.43
C TYR A 32 3.02 -2.24 -3.14
N CYS A 33 4.11 -2.61 -2.48
CA CYS A 33 5.44 -2.41 -3.06
C CYS A 33 5.84 -0.94 -3.00
N CYS A 34 5.05 -0.09 -3.65
CA CYS A 34 5.32 1.33 -3.68
C CYS A 34 4.20 2.12 -3.02
N PRO A 35 4.49 3.37 -2.62
CA PRO A 35 3.51 4.24 -1.97
C PRO A 35 2.43 4.71 -2.92
N THR A 36 2.65 4.50 -4.21
CA THR A 36 1.69 4.90 -5.24
C THR A 36 0.60 3.83 -5.40
N ALA A 37 0.63 2.81 -4.55
CA ALA A 37 -0.35 1.74 -4.60
C ALA A 37 -1.13 1.64 -3.30
N SER A 38 -0.56 2.21 -2.24
CA SER A 38 -1.20 2.19 -0.93
C SER A 38 -2.65 2.68 -1.02
N GLU A 39 -2.90 3.60 -1.93
CA GLU A 39 -4.24 4.13 -2.11
C GLU A 39 -4.43 4.62 -3.55
N LYS A 40 -4.03 3.77 -4.48
CA LYS A 40 -4.15 4.10 -5.89
C LYS A 40 -4.37 2.82 -6.70
N LYS A 41 -3.62 1.79 -6.32
CA LYS A 41 -3.71 0.51 -6.99
C LYS A 41 -3.02 0.59 -8.35
N CYS A 42 -1.94 1.37 -8.37
CA CYS A 42 -1.17 1.57 -9.59
C CYS A 42 -0.82 0.22 -10.24
N CYS A 43 -0.67 -0.81 -9.40
CA CYS A 43 -0.35 -2.14 -9.90
C CYS A 43 -1.10 -3.21 -9.10
N LYS A 44 -1.28 -4.37 -9.70
CA LYS A 44 -1.98 -5.46 -9.04
C LYS A 44 -1.29 -5.77 -7.71
N SER A 45 -2.08 -5.70 -6.65
CA SER A 45 -1.59 -5.97 -5.30
C SER A 45 -0.81 -7.27 -5.26
N GLY A 46 0.15 -7.36 -4.33
CA GLY A 46 0.95 -8.55 -4.20
C GLY A 46 2.42 -8.31 -4.48
N CYS A 47 2.70 -7.24 -5.22
CA CYS A 47 4.08 -6.88 -5.55
C CYS A 47 4.95 -6.83 -4.30
N ALA A 48 5.85 -7.79 -4.16
CA ALA A 48 6.74 -7.85 -3.02
C ALA A 48 8.19 -7.59 -3.43
N GLY A 49 8.42 -6.49 -4.13
CA GLY A 49 9.76 -6.15 -4.58
C GLY A 49 9.77 -5.47 -5.93
N GLY A 50 10.14 -6.20 -6.96
CA GLY A 50 10.19 -5.63 -8.30
C GLY A 50 8.90 -4.94 -8.68
N CYS A 51 7.81 -5.71 -8.72
CA CYS A 51 6.51 -5.15 -9.09
C CYS A 51 6.40 -4.93 -10.59
N LYS A 52 7.55 -4.78 -11.23
CA LYS A 52 7.58 -4.56 -12.67
C LYS A 52 6.36 -3.72 -13.08
N CYS A 53 6.46 -2.42 -12.82
CA CYS A 53 5.37 -1.50 -13.14
C CYS A 53 5.93 -0.09 -13.39
N ALA A 54 5.64 0.43 -14.57
CA ALA A 54 6.11 1.77 -14.94
C ALA A 54 5.02 2.82 -14.71
N ASN A 55 4.10 2.51 -13.79
CA ASN A 55 3.01 3.42 -13.47
C ASN A 55 3.03 3.80 -12.00
N CYS A 56 3.81 3.06 -11.22
CA CYS A 56 3.92 3.32 -9.79
C CYS A 56 5.12 4.21 -9.48
N GLU A 57 5.49 4.28 -8.21
CA GLU A 57 6.62 5.09 -7.80
C GLU A 57 7.92 4.54 -8.40
N CYS A 58 7.94 3.22 -8.55
CA CYS A 58 9.11 2.54 -9.10
C CYS A 58 9.54 3.17 -10.42
N ALA A 59 8.74 2.97 -11.47
CA ALA A 59 9.03 3.52 -12.77
C ALA A 59 10.31 2.93 -13.34
N GLN A 60 10.17 1.97 -14.25
CA GLN A 60 11.32 1.31 -14.87
C GLN A 60 10.89 0.50 -16.08
N ALA A 61 9.88 0.99 -16.79
CA ALA A 61 9.38 0.31 -17.98
C ALA A 61 8.88 -1.10 -17.64
N ALA A 62 7.58 -1.23 -17.45
CA ALA A 62 6.98 -2.50 -17.12
C ALA A 62 5.47 -2.39 -16.98
N HIS A 63 4.77 -3.51 -17.12
CA HIS A 63 3.32 -3.54 -17.01
C HIS A 63 2.69 -2.48 -17.92
CD CD B . 6.57 -1.29 -7.11
CD CD C . 2.83 0.19 -7.64
CD CD D . 3.84 -3.36 -9.27
N MET A 1 -11.05 0.94 8.33
CA MET A 1 -10.19 1.81 7.54
C MET A 1 -8.87 2.04 8.24
N VAL A 2 -7.77 1.89 7.50
CA VAL A 2 -6.44 2.08 8.06
C VAL A 2 -6.11 1.02 9.10
N CYS A 3 -4.86 0.57 9.12
CA CYS A 3 -4.43 -0.44 10.07
C CYS A 3 -2.91 -0.54 10.10
N LYS A 4 -2.40 -1.38 10.98
CA LYS A 4 -0.95 -1.55 11.12
C LYS A 4 -0.32 -0.19 11.42
N CYS A 5 0.97 -0.25 11.79
CA CYS A 5 1.72 0.96 12.12
C CYS A 5 3.22 0.67 12.13
N ASP A 6 3.78 0.44 10.95
CA ASP A 6 5.20 0.16 10.84
C ASP A 6 5.54 -0.16 9.39
N CYS A 7 4.63 -0.85 8.73
CA CYS A 7 4.80 -1.23 7.33
C CYS A 7 5.00 0.00 6.45
N LYS A 8 5.11 -0.22 5.15
CA LYS A 8 5.30 0.88 4.22
C LYS A 8 3.96 1.25 3.59
N ASN A 9 3.29 2.21 4.22
CA ASN A 9 1.99 2.68 3.74
C ASN A 9 1.60 3.98 4.42
N GLN A 10 1.11 4.93 3.63
CA GLN A 10 0.70 6.23 4.14
C GLN A 10 -0.53 6.09 5.05
N ASN A 11 -0.82 7.14 5.80
CA ASN A 11 -1.96 7.13 6.71
C ASN A 11 -2.07 5.79 7.44
N CYS A 12 -0.96 5.35 8.02
CA CYS A 12 -0.94 4.08 8.75
C CYS A 12 -0.62 4.31 10.21
N SER A 13 -0.34 5.56 10.57
CA SER A 13 0.00 5.91 11.95
C SER A 13 -1.05 5.37 12.91
N CYS A 14 -2.27 5.23 12.43
CA CYS A 14 -3.38 4.73 13.25
C CYS A 14 -3.47 5.50 14.56
N ASN A 15 -4.22 6.59 14.56
CA ASN A 15 -4.40 7.41 15.74
C ASN A 15 -5.45 8.50 15.51
N THR A 16 -5.47 9.04 14.29
CA THR A 16 -6.42 10.09 13.95
C THR A 16 -7.82 9.52 13.75
N GLY A 17 -7.89 8.33 13.16
CA GLY A 17 -9.18 7.70 12.93
C GLY A 17 -9.10 6.18 12.98
N THR A 18 -8.27 5.67 13.90
CA THR A 18 -8.10 4.23 14.04
C THR A 18 -7.09 3.91 15.13
N LYS A 19 -7.55 3.35 16.23
CA LYS A 19 -6.68 3.00 17.34
C LYS A 19 -5.52 2.15 16.81
N ASP A 20 -5.76 0.85 16.73
CA ASP A 20 -4.75 -0.08 16.25
C ASP A 20 -5.21 -0.66 14.91
N CYS A 21 -4.50 -1.70 14.48
CA CYS A 21 -4.81 -2.37 13.23
C CYS A 21 -6.28 -2.74 13.16
N ASP A 22 -7.05 -1.93 12.43
CA ASP A 22 -8.47 -2.18 12.29
C ASP A 22 -8.73 -2.87 10.95
N CYS A 23 -7.71 -3.58 10.48
CA CYS A 23 -7.81 -4.31 9.22
C CYS A 23 -9.10 -5.10 9.14
N SER A 24 -9.74 -5.10 7.97
CA SER A 24 -10.98 -5.83 7.77
C SER A 24 -11.54 -5.57 6.37
N ASP A 25 -11.31 -4.37 5.86
CA ASP A 25 -11.80 -4.01 4.54
C ASP A 25 -10.67 -4.17 3.53
N ALA A 26 -9.63 -4.90 3.94
CA ALA A 26 -8.48 -5.13 3.09
C ALA A 26 -7.74 -3.83 2.79
N LYS A 27 -7.95 -2.82 3.63
CA LYS A 27 -7.30 -1.54 3.44
C LYS A 27 -6.13 -1.42 4.42
N CYS A 28 -5.08 -0.74 3.95
CA CYS A 28 -3.88 -0.54 4.75
C CYS A 28 -3.31 -1.88 5.23
N CYS A 29 -2.21 -1.81 5.95
CA CYS A 29 -1.56 -3.02 6.45
C CYS A 29 -1.16 -3.95 5.32
N GLU A 30 -0.98 -3.37 4.13
CA GLU A 30 -0.60 -4.15 2.97
C GLU A 30 0.80 -3.76 2.49
N GLN A 31 1.37 -4.61 1.66
CA GLN A 31 2.71 -4.38 1.11
C GLN A 31 2.64 -3.75 -0.26
N TYR A 32 2.14 -2.52 -0.33
CA TYR A 32 2.02 -1.81 -1.60
C TYR A 32 3.33 -1.84 -2.37
N CYS A 33 4.44 -1.87 -1.65
CA CYS A 33 5.76 -1.91 -2.27
C CYS A 33 6.10 -0.56 -2.90
N CYS A 34 5.27 -0.12 -3.84
CA CYS A 34 5.48 1.15 -4.51
C CYS A 34 4.39 2.15 -4.16
N PRO A 35 4.66 3.44 -4.42
CA PRO A 35 3.71 4.52 -4.13
C PRO A 35 2.50 4.49 -5.05
N THR A 36 2.61 3.73 -6.14
CA THR A 36 1.52 3.61 -7.10
C THR A 36 0.58 2.47 -6.73
N ALA A 37 0.75 1.93 -5.53
CA ALA A 37 -0.09 0.83 -5.05
C ALA A 37 -0.95 1.27 -3.87
N SER A 38 -0.51 2.33 -3.18
CA SER A 38 -1.25 2.84 -2.03
C SER A 38 -2.71 3.07 -2.38
N GLU A 39 -2.95 4.00 -3.28
CA GLU A 39 -4.32 4.31 -3.69
C GLU A 39 -4.43 4.27 -5.22
N LYS A 40 -3.52 3.53 -5.83
CA LYS A 40 -3.52 3.40 -7.28
C LYS A 40 -3.66 1.93 -7.66
N LYS A 41 -3.35 1.07 -6.70
CA LYS A 41 -3.43 -0.37 -6.92
C LYS A 41 -2.84 -0.71 -8.29
N CYS A 42 -1.78 0.01 -8.64
CA CYS A 42 -1.10 -0.21 -9.91
C CYS A 42 -0.77 -1.68 -10.11
N CYS A 43 -0.64 -2.41 -9.01
CA CYS A 43 -0.32 -3.83 -9.07
C CYS A 43 -0.95 -4.58 -7.91
N LYS A 44 -1.01 -5.90 -8.03
CA LYS A 44 -1.59 -6.72 -6.97
C LYS A 44 -0.98 -6.32 -5.63
N SER A 45 -1.85 -5.99 -4.68
CA SER A 45 -1.42 -5.59 -3.35
C SER A 45 -0.80 -6.78 -2.61
N GLY A 46 0.12 -6.47 -1.69
CA GLY A 46 0.77 -7.52 -0.93
C GLY A 46 1.84 -8.25 -1.73
N CYS A 47 2.65 -7.49 -2.46
CA CYS A 47 3.71 -8.06 -3.28
C CYS A 47 4.89 -8.48 -2.42
N ALA A 48 4.80 -8.21 -1.11
CA ALA A 48 5.87 -8.56 -0.18
C ALA A 48 7.14 -7.78 -0.48
N GLY A 49 7.02 -6.77 -1.35
CA GLY A 49 8.18 -5.96 -1.70
C GLY A 49 8.76 -6.35 -3.04
N GLY A 50 9.17 -7.62 -3.17
CA GLY A 50 9.75 -8.08 -4.42
C GLY A 50 8.70 -8.30 -5.49
N CYS A 51 8.12 -7.22 -5.98
CA CYS A 51 7.09 -7.31 -7.01
C CYS A 51 7.71 -7.19 -8.41
N LYS A 52 8.68 -6.30 -8.54
CA LYS A 52 9.35 -6.11 -9.82
C LYS A 52 8.31 -6.18 -10.94
N CYS A 53 7.25 -5.40 -10.77
CA CYS A 53 6.17 -5.35 -11.76
C CYS A 53 6.48 -4.36 -12.86
N ALA A 54 6.68 -4.86 -14.08
CA ALA A 54 6.98 -4.01 -15.22
C ALA A 54 5.73 -3.32 -15.75
N ASN A 55 5.07 -2.58 -14.86
CA ASN A 55 3.85 -1.87 -15.25
C ASN A 55 3.60 -0.69 -14.30
N CYS A 56 3.91 -0.89 -13.02
CA CYS A 56 3.72 0.15 -12.02
C CYS A 56 4.92 1.10 -11.98
N GLU A 57 4.95 1.97 -10.98
CA GLU A 57 6.03 2.92 -10.85
C GLU A 57 7.38 2.20 -10.90
N CYS A 58 7.36 0.94 -10.47
CA CYS A 58 8.57 0.13 -10.46
C CYS A 58 9.24 0.11 -11.83
N ALA A 59 8.44 0.37 -12.87
CA ALA A 59 8.95 0.38 -14.23
C ALA A 59 8.12 1.29 -15.12
N GLN A 60 8.32 1.18 -16.42
CA GLN A 60 7.58 2.00 -17.39
C GLN A 60 6.79 1.14 -18.34
N ALA A 61 5.54 0.87 -18.00
CA ALA A 61 4.66 0.05 -18.84
C ALA A 61 3.28 -0.07 -18.23
N ALA A 62 2.47 -0.97 -18.78
CA ALA A 62 1.11 -1.20 -18.29
C ALA A 62 0.93 -2.62 -17.80
N HIS A 63 0.02 -2.80 -16.84
CA HIS A 63 -0.25 -4.11 -16.28
C HIS A 63 -1.49 -4.74 -16.91
CD CD B . 6.98 -2.55 -6.57
CD CD C . 3.32 -1.35 -8.14
CD CD D . 3.81 -5.33 -7.78
N MET A 1 -9.83 -8.30 6.67
CA MET A 1 -9.91 -7.79 8.04
C MET A 1 -8.71 -6.90 8.35
N VAL A 2 -8.61 -5.77 7.66
CA VAL A 2 -7.50 -4.85 7.87
C VAL A 2 -6.18 -5.45 7.43
N CYS A 3 -5.39 -4.67 6.70
CA CYS A 3 -4.09 -5.14 6.22
C CYS A 3 -2.98 -4.77 7.19
N LYS A 4 -2.92 -5.48 8.31
CA LYS A 4 -1.90 -5.21 9.31
C LYS A 4 -0.53 -5.13 8.63
N CYS A 5 -0.01 -3.92 8.56
CA CYS A 5 1.29 -3.67 7.93
C CYS A 5 2.09 -2.66 8.74
N ASP A 6 3.23 -2.24 8.19
CA ASP A 6 4.07 -1.28 8.86
C ASP A 6 3.71 0.13 8.39
N CYS A 7 2.54 0.23 7.75
CA CYS A 7 2.06 1.50 7.24
C CYS A 7 2.97 2.04 6.14
N LYS A 8 4.02 2.75 6.54
CA LYS A 8 4.96 3.30 5.58
C LYS A 8 4.26 4.39 4.76
N ASN A 9 3.50 3.95 3.76
CA ASN A 9 2.78 4.87 2.89
C ASN A 9 1.59 5.49 3.63
N GLN A 10 0.60 5.93 2.87
CA GLN A 10 -0.60 6.54 3.45
C GLN A 10 -1.20 5.64 4.52
N ASN A 11 -2.32 6.07 5.08
CA ASN A 11 -3.00 5.31 6.12
C ASN A 11 -4.51 5.54 6.08
N CYS A 12 -5.04 5.68 4.87
CA CYS A 12 -6.47 5.90 4.69
C CYS A 12 -6.99 6.93 5.69
N SER A 13 -7.43 6.45 6.85
CA SER A 13 -7.95 7.32 7.89
C SER A 13 -7.43 6.90 9.26
N CYS A 14 -6.12 6.88 9.43
CA CYS A 14 -5.50 6.49 10.69
C CYS A 14 -5.03 7.72 11.46
N ASN A 15 -4.31 7.47 12.55
CA ASN A 15 -3.80 8.56 13.38
C ASN A 15 -2.29 8.46 13.54
N THR A 16 -1.67 7.63 12.70
CA THR A 16 -0.22 7.44 12.74
C THR A 16 0.26 7.24 14.19
N GLY A 17 -0.59 6.66 15.02
CA GLY A 17 -0.23 6.43 16.40
C GLY A 17 -0.57 5.03 16.86
N THR A 18 -1.64 4.46 16.30
CA THR A 18 -2.07 3.11 16.66
C THR A 18 -0.91 2.14 16.61
N LYS A 19 -0.62 1.52 17.75
CA LYS A 19 0.47 0.56 17.82
C LYS A 19 0.35 -0.44 16.66
N ASP A 20 -0.69 -1.25 16.73
CA ASP A 20 -0.92 -2.25 15.71
C ASP A 20 -1.85 -1.66 14.63
N CYS A 21 -1.47 -1.89 13.38
CA CYS A 21 -2.23 -1.40 12.25
C CYS A 21 -3.72 -1.67 12.42
N ASP A 22 -4.47 -0.65 12.79
CA ASP A 22 -5.90 -0.79 12.99
C ASP A 22 -6.65 -0.03 11.91
N CYS A 23 -6.32 1.25 11.79
CA CYS A 23 -6.95 2.12 10.80
C CYS A 23 -8.46 2.12 10.96
N SER A 24 -9.16 2.71 9.99
CA SER A 24 -10.61 2.77 10.01
C SER A 24 -11.21 2.05 8.82
N ASP A 25 -12.52 1.81 8.88
CA ASP A 25 -13.21 1.13 7.79
C ASP A 25 -12.68 -0.31 7.69
N ALA A 26 -12.04 -0.75 8.76
CA ALA A 26 -11.48 -2.10 8.83
C ALA A 26 -10.71 -2.43 7.56
N LYS A 27 -9.81 -1.54 7.17
CA LYS A 27 -9.01 -1.75 5.97
C LYS A 27 -7.81 -0.80 5.99
N CYS A 28 -6.71 -1.31 6.55
CA CYS A 28 -5.48 -0.54 6.65
C CYS A 28 -4.98 -0.14 5.27
N CYS A 29 -3.76 0.41 5.22
CA CYS A 29 -3.17 0.83 3.96
C CYS A 29 -2.27 -0.26 3.39
N GLU A 30 -2.76 -0.96 2.38
CA GLU A 30 -1.99 -2.03 1.76
C GLU A 30 -0.61 -1.51 1.33
N GLN A 31 0.21 -2.42 0.85
CA GLN A 31 1.55 -2.09 0.39
C GLN A 31 1.53 -1.55 -1.02
N TYR A 32 0.89 -0.40 -1.21
CA TYR A 32 0.79 0.22 -2.52
C TYR A 32 2.17 0.44 -3.12
N CYS A 33 3.17 0.56 -2.26
CA CYS A 33 4.55 0.77 -2.70
C CYS A 33 4.75 2.20 -3.20
N CYS A 34 4.00 2.57 -4.23
CA CYS A 34 4.08 3.90 -4.81
C CYS A 34 2.76 4.65 -4.67
N PRO A 35 2.82 5.98 -4.79
CA PRO A 35 1.63 6.84 -4.69
C PRO A 35 0.68 6.66 -5.88
N THR A 36 1.14 5.96 -6.90
CA THR A 36 0.34 5.72 -8.09
C THR A 36 -0.52 4.47 -7.93
N ALA A 37 -0.54 3.93 -6.72
CA ALA A 37 -1.33 2.74 -6.44
C ALA A 37 -2.35 3.00 -5.32
N SER A 38 -2.05 3.99 -4.49
CA SER A 38 -2.93 4.34 -3.38
C SER A 38 -4.30 4.79 -3.89
N GLU A 39 -4.35 5.13 -5.17
CA GLU A 39 -5.61 5.58 -5.77
C GLU A 39 -5.56 5.40 -7.29
N LYS A 40 -5.11 4.22 -7.70
CA LYS A 40 -5.01 3.91 -9.11
C LYS A 40 -5.00 2.39 -9.30
N LYS A 41 -4.24 1.73 -8.43
CA LYS A 41 -4.14 0.28 -8.49
C LYS A 41 -3.26 -0.12 -9.68
N CYS A 42 -2.26 0.73 -9.95
CA CYS A 42 -1.34 0.49 -11.05
C CYS A 42 -0.81 -0.94 -11.01
N CYS A 43 -0.64 -1.47 -9.81
CA CYS A 43 -0.13 -2.83 -9.64
C CYS A 43 -0.83 -3.53 -8.48
N LYS A 44 -1.01 -4.84 -8.61
CA LYS A 44 -1.67 -5.61 -7.57
C LYS A 44 -1.00 -5.32 -6.22
N SER A 45 -1.84 -4.98 -5.24
CA SER A 45 -1.36 -4.67 -3.91
C SER A 45 -0.39 -5.74 -3.41
N GLY A 46 0.54 -5.34 -2.56
CA GLY A 46 1.51 -6.27 -2.02
C GLY A 46 2.94 -5.78 -2.19
N CYS A 47 3.18 -5.01 -3.23
CA CYS A 47 4.51 -4.48 -3.51
C CYS A 47 5.10 -3.80 -2.27
N ALA A 48 6.14 -4.40 -1.71
CA ALA A 48 6.78 -3.86 -0.52
C ALA A 48 8.20 -3.40 -0.83
N GLY A 49 8.34 -2.56 -1.85
CA GLY A 49 9.65 -2.07 -2.24
C GLY A 49 9.79 -1.91 -3.73
N GLY A 50 10.45 -2.88 -4.36
CA GLY A 50 10.64 -2.82 -5.81
C GLY A 50 9.33 -2.66 -6.57
N CYS A 51 8.40 -3.57 -6.31
CA CYS A 51 7.09 -3.52 -6.98
C CYS A 51 7.21 -4.04 -8.42
N LYS A 52 8.38 -3.89 -9.00
CA LYS A 52 8.59 -4.34 -10.37
C LYS A 52 7.35 -4.04 -11.20
N CYS A 53 7.27 -2.81 -11.67
CA CYS A 53 6.14 -2.37 -12.49
C CYS A 53 6.54 -1.18 -13.36
N ALA A 54 6.87 -1.45 -14.61
CA ALA A 54 7.26 -0.40 -15.55
C ALA A 54 6.04 0.36 -16.06
N ASN A 55 5.28 0.94 -15.14
CA ASN A 55 4.09 1.70 -15.50
C ASN A 55 3.78 2.75 -14.44
N CYS A 56 3.99 2.40 -13.18
CA CYS A 56 3.73 3.32 -12.07
C CYS A 56 4.97 4.13 -11.74
N GLU A 57 4.90 4.90 -10.66
CA GLU A 57 6.02 5.72 -10.24
C GLU A 57 7.27 4.86 -10.06
N CYS A 58 7.04 3.59 -9.75
CA CYS A 58 8.13 2.64 -9.54
C CYS A 58 8.43 1.87 -10.82
N ALA A 59 8.86 2.59 -11.85
CA ALA A 59 9.18 1.97 -13.13
C ALA A 59 10.54 1.28 -13.08
N GLN A 60 10.52 -0.05 -13.15
CA GLN A 60 11.75 -0.83 -13.11
C GLN A 60 11.85 -1.76 -14.32
N ALA A 61 11.07 -2.84 -14.29
CA ALA A 61 11.06 -3.81 -15.38
C ALA A 61 9.63 -4.08 -15.86
N ALA A 62 8.87 -4.83 -15.06
CA ALA A 62 7.49 -5.16 -15.41
C ALA A 62 6.84 -5.98 -14.31
N HIS A 63 5.55 -6.28 -14.50
CA HIS A 63 4.81 -7.07 -13.52
C HIS A 63 3.99 -8.15 -14.21
CD CD B . 6.30 0.50 -6.74
CD CD C . 2.67 0.93 -8.52
CD CD D . 4.26 -2.61 -8.27
N MET A 1 -11.30 -7.13 10.79
CA MET A 1 -11.25 -6.39 12.04
C MET A 1 -10.06 -5.44 12.08
N VAL A 2 -9.62 -5.01 10.91
CA VAL A 2 -8.49 -4.09 10.80
C VAL A 2 -7.20 -4.75 11.28
N CYS A 3 -6.08 -4.32 10.73
CA CYS A 3 -4.77 -4.87 11.10
C CYS A 3 -4.01 -3.89 11.99
N LYS A 4 -2.70 -4.09 12.08
CA LYS A 4 -1.87 -3.22 12.89
C LYS A 4 -0.84 -2.51 12.00
N CYS A 5 -1.11 -2.57 10.70
CA CYS A 5 -0.22 -1.95 9.71
C CYS A 5 1.15 -2.61 9.74
N ASP A 6 1.19 -3.92 9.50
CA ASP A 6 2.45 -4.64 9.49
C ASP A 6 2.89 -4.86 8.04
N CYS A 7 2.58 -3.88 7.20
CA CYS A 7 2.94 -3.94 5.79
C CYS A 7 4.06 -2.97 5.48
N LYS A 8 4.39 -2.85 4.20
CA LYS A 8 5.46 -1.96 3.78
C LYS A 8 4.85 -0.70 3.17
N ASN A 9 4.06 -0.01 4.00
CA ASN A 9 3.40 1.23 3.57
C ASN A 9 2.74 1.92 4.74
N GLN A 10 2.23 3.13 4.51
CA GLN A 10 1.56 3.90 5.54
C GLN A 10 0.47 4.79 4.95
N ASN A 11 -0.41 5.29 5.81
CA ASN A 11 -1.50 6.15 5.38
C ASN A 11 -2.28 5.51 4.24
N CYS A 12 -2.63 4.24 4.41
CA CYS A 12 -3.39 3.50 3.40
C CYS A 12 -4.83 3.31 3.83
N SER A 13 -5.72 4.19 3.36
CA SER A 13 -7.13 4.11 3.69
C SER A 13 -7.32 4.13 5.20
N CYS A 14 -6.36 4.71 5.92
CA CYS A 14 -6.42 4.78 7.37
C CYS A 14 -6.42 6.24 7.83
N ASN A 15 -7.00 7.11 7.03
CA ASN A 15 -7.06 8.54 7.36
C ASN A 15 -5.66 9.14 7.40
N THR A 16 -5.58 10.46 7.21
CA THR A 16 -4.32 11.16 7.22
C THR A 16 -3.64 11.08 8.59
N GLY A 17 -4.16 11.85 9.54
CA GLY A 17 -3.60 11.84 10.88
C GLY A 17 -3.94 10.58 11.64
N THR A 18 -3.19 9.51 11.37
CA THR A 18 -3.41 8.23 12.04
C THR A 18 -2.10 7.66 12.58
N LYS A 19 -2.21 6.82 13.59
CA LYS A 19 -1.02 6.22 14.19
C LYS A 19 -0.84 4.81 13.62
N ASP A 20 -1.69 3.91 14.07
CA ASP A 20 -1.63 2.53 13.63
C ASP A 20 -2.71 2.29 12.57
N CYS A 21 -2.82 1.03 12.15
CA CYS A 21 -3.81 0.65 11.15
C CYS A 21 -5.22 0.98 11.61
N ASP A 22 -5.74 2.12 11.16
CA ASP A 22 -7.07 2.54 11.55
C ASP A 22 -7.99 2.47 10.32
N CYS A 23 -7.74 1.47 9.49
CA CYS A 23 -8.53 1.28 8.27
C CYS A 23 -9.90 0.68 8.60
N SER A 24 -10.82 0.77 7.65
CA SER A 24 -12.17 0.25 7.83
C SER A 24 -12.94 0.24 6.52
N ASP A 25 -12.53 -0.64 5.62
CA ASP A 25 -13.19 -0.74 4.33
C ASP A 25 -12.83 -2.07 3.68
N ALA A 26 -12.75 -3.10 4.51
CA ALA A 26 -12.42 -4.44 4.05
C ALA A 26 -11.01 -4.49 3.48
N LYS A 27 -10.09 -5.07 4.24
CA LYS A 27 -8.71 -5.18 3.80
C LYS A 27 -8.08 -3.78 3.75
N CYS A 28 -6.78 -3.74 3.97
CA CYS A 28 -6.04 -2.47 3.95
C CYS A 28 -4.56 -2.71 4.21
N CYS A 29 -4.26 -3.64 5.11
CA CYS A 29 -2.88 -3.96 5.45
C CYS A 29 -2.24 -4.83 4.36
N GLU A 30 -2.23 -4.31 3.14
CA GLU A 30 -1.65 -5.05 2.03
C GLU A 30 -0.26 -4.48 1.70
N GLN A 31 0.45 -5.22 0.86
CA GLN A 31 1.79 -4.83 0.44
C GLN A 31 1.73 -3.94 -0.79
N TYR A 32 1.92 -2.64 -0.60
CA TYR A 32 1.89 -1.68 -1.70
C TYR A 32 3.30 -1.41 -2.23
N CYS A 33 4.29 -1.61 -1.37
CA CYS A 33 5.67 -1.39 -1.74
C CYS A 33 5.96 0.10 -1.92
N CYS A 34 5.29 0.72 -2.88
CA CYS A 34 5.47 2.14 -3.15
C CYS A 34 4.28 2.95 -2.62
N PRO A 35 4.52 4.24 -2.37
CA PRO A 35 3.49 5.16 -1.86
C PRO A 35 2.41 5.45 -2.92
N THR A 36 2.70 5.12 -4.16
CA THR A 36 1.77 5.35 -5.26
C THR A 36 0.75 4.22 -5.36
N ALA A 37 0.88 3.24 -4.47
CA ALA A 37 -0.04 2.10 -4.46
C ALA A 37 -0.94 2.13 -3.22
N SER A 38 -0.60 3.00 -2.27
CA SER A 38 -1.38 3.13 -1.04
C SER A 38 -2.84 3.43 -1.35
N GLU A 39 -3.06 4.31 -2.31
CA GLU A 39 -4.41 4.68 -2.70
C GLU A 39 -4.40 5.46 -4.01
N LYS A 40 -3.52 5.03 -4.91
CA LYS A 40 -3.40 5.68 -6.20
C LYS A 40 -3.74 4.67 -7.31
N LYS A 41 -3.55 3.40 -6.99
CA LYS A 41 -3.82 2.34 -7.94
C LYS A 41 -2.74 2.32 -9.02
N CYS A 42 -1.56 2.79 -8.63
CA CYS A 42 -0.42 2.85 -9.54
C CYS A 42 -0.01 1.45 -9.99
N CYS A 43 -0.03 0.51 -9.05
CA CYS A 43 0.35 -0.87 -9.34
C CYS A 43 -0.52 -1.85 -8.56
N LYS A 44 -0.06 -3.08 -8.43
CA LYS A 44 -0.80 -4.10 -7.72
C LYS A 44 -0.14 -4.35 -6.36
N SER A 45 -0.98 -4.50 -5.34
CA SER A 45 -0.50 -4.74 -3.98
C SER A 45 -0.39 -6.23 -3.69
N GLY A 46 0.83 -6.71 -3.52
CA GLY A 46 1.04 -8.12 -3.24
C GLY A 46 2.11 -8.73 -4.13
N CYS A 47 2.72 -7.90 -4.98
CA CYS A 47 3.76 -8.36 -5.89
C CYS A 47 4.95 -8.92 -5.10
N ALA A 48 4.99 -8.61 -3.81
CA ALA A 48 6.08 -9.08 -2.96
C ALA A 48 7.44 -8.70 -3.55
N GLY A 49 7.48 -7.60 -4.28
CA GLY A 49 8.72 -7.16 -4.89
C GLY A 49 8.72 -7.32 -6.40
N GLY A 50 7.80 -8.14 -6.90
CA GLY A 50 7.72 -8.36 -8.33
C GLY A 50 6.70 -7.46 -9.00
N CYS A 51 6.87 -6.16 -8.83
CA CYS A 51 5.96 -5.19 -9.42
C CYS A 51 5.65 -5.53 -10.87
N LYS A 52 6.66 -5.39 -11.73
CA LYS A 52 6.50 -5.69 -13.14
C LYS A 52 5.60 -4.63 -13.77
N CYS A 53 5.31 -3.59 -12.99
CA CYS A 53 4.46 -2.50 -13.46
C CYS A 53 5.28 -1.22 -13.64
N ALA A 54 5.52 -0.85 -14.89
CA ALA A 54 6.29 0.35 -15.20
C ALA A 54 5.37 1.55 -15.40
N ASN A 55 4.30 1.60 -14.61
CA ASN A 55 3.34 2.70 -14.69
C ASN A 55 3.21 3.41 -13.35
N CYS A 56 3.83 2.83 -12.32
CA CYS A 56 3.77 3.41 -10.98
C CYS A 56 5.05 4.19 -10.66
N GLU A 57 5.20 4.60 -9.41
CA GLU A 57 6.36 5.34 -9.00
C GLU A 57 7.64 4.63 -9.46
N CYS A 58 7.56 3.30 -9.47
CA CYS A 58 8.69 2.47 -9.88
C CYS A 58 9.19 2.88 -11.26
N ALA A 59 8.27 3.06 -12.19
CA ALA A 59 8.62 3.45 -13.55
C ALA A 59 9.60 2.46 -14.18
N GLN A 60 9.58 1.23 -13.68
CA GLN A 60 10.47 0.19 -14.19
C GLN A 60 9.98 -1.19 -13.78
N ALA A 61 10.33 -1.62 -12.57
CA ALA A 61 9.93 -2.92 -12.07
C ALA A 61 10.59 -3.22 -10.72
N ALA A 62 9.86 -2.98 -9.64
CA ALA A 62 10.37 -3.22 -8.30
C ALA A 62 9.32 -2.90 -7.24
N HIS A 63 8.59 -3.92 -6.81
CA HIS A 63 7.56 -3.75 -5.80
C HIS A 63 8.14 -3.86 -4.39
CD CD B . 6.52 -0.91 -6.53
CD CD C . 3.43 0.69 -7.81
CD CD D . 3.23 -3.65 -8.46
N MET A 1 -7.72 -2.14 11.80
CA MET A 1 -7.57 -2.82 10.51
C MET A 1 -8.38 -2.09 9.44
N VAL A 2 -8.01 -2.34 8.17
CA VAL A 2 -8.70 -1.71 7.05
C VAL A 2 -8.50 -0.20 7.05
N CYS A 3 -8.47 0.38 5.86
CA CYS A 3 -8.27 1.82 5.71
C CYS A 3 -9.37 2.59 6.46
N LYS A 4 -9.04 3.04 7.66
CA LYS A 4 -10.00 3.78 8.46
C LYS A 4 -9.90 5.26 8.11
N CYS A 5 -8.75 5.66 7.61
CA CYS A 5 -8.50 7.04 7.22
C CYS A 5 -8.33 7.16 5.72
N ASP A 6 -9.33 6.73 4.97
CA ASP A 6 -9.27 6.80 3.52
C ASP A 6 -8.22 5.81 3.01
N CYS A 7 -6.96 6.16 3.25
CA CYS A 7 -5.84 5.33 2.83
C CYS A 7 -4.85 5.13 3.97
N LYS A 8 -3.98 4.14 3.83
CA LYS A 8 -2.99 3.85 4.84
C LYS A 8 -1.61 3.73 4.19
N ASN A 9 -1.00 4.89 3.95
CA ASN A 9 0.32 4.94 3.33
C ASN A 9 1.38 4.38 4.26
N GLN A 10 2.65 4.67 3.97
CA GLN A 10 3.75 4.18 4.79
C GLN A 10 3.76 4.87 6.14
N ASN A 11 3.70 4.07 7.21
CA ASN A 11 3.71 4.61 8.57
C ASN A 11 2.94 5.92 8.64
N CYS A 12 1.78 5.96 7.99
CA CYS A 12 0.95 7.16 7.98
C CYS A 12 -0.01 7.16 9.18
N SER A 13 0.52 7.52 10.34
CA SER A 13 -0.29 7.56 11.56
C SER A 13 -0.71 6.16 11.97
N CYS A 14 0.07 5.17 11.58
CA CYS A 14 -0.24 3.78 11.91
C CYS A 14 0.92 2.86 11.54
N ASN A 15 0.75 1.57 11.78
CA ASN A 15 1.78 0.59 11.47
C ASN A 15 3.04 0.84 12.31
N THR A 16 3.84 -0.21 12.50
CA THR A 16 5.07 -0.11 13.28
C THR A 16 4.76 0.07 14.76
N GLY A 17 3.67 -0.55 15.22
CA GLY A 17 3.29 -0.44 16.61
C GLY A 17 2.03 0.36 16.82
N THR A 18 0.99 0.03 16.05
CA THR A 18 -0.29 0.74 16.15
C THR A 18 -1.46 -0.23 16.00
N LYS A 19 -2.62 0.18 16.49
CA LYS A 19 -3.81 -0.64 16.41
C LYS A 19 -4.69 -0.16 15.25
N ASP A 20 -5.28 1.00 15.46
CA ASP A 20 -6.14 1.59 14.44
C ASP A 20 -5.41 1.61 13.10
N CYS A 21 -6.13 1.18 12.06
CA CYS A 21 -5.57 1.13 10.72
C CYS A 21 -4.17 0.52 10.73
N ASP A 22 -4.07 -0.67 11.28
CA ASP A 22 -2.79 -1.36 11.35
C ASP A 22 -2.69 -2.37 10.20
N CYS A 23 -2.83 -1.85 8.99
CA CYS A 23 -2.77 -2.69 7.79
C CYS A 23 -1.67 -3.72 7.91
N SER A 24 -2.04 -4.99 7.91
CA SER A 24 -1.08 -6.08 8.02
C SER A 24 -1.78 -7.44 8.04
N ASP A 25 -2.91 -7.51 7.34
CA ASP A 25 -3.67 -8.75 7.29
C ASP A 25 -4.25 -8.92 5.87
N ALA A 26 -3.66 -8.20 4.93
CA ALA A 26 -4.09 -8.25 3.54
C ALA A 26 -5.52 -7.73 3.39
N LYS A 27 -5.98 -6.98 4.39
CA LYS A 27 -7.32 -6.43 4.36
C LYS A 27 -7.25 -4.93 4.65
N CYS A 28 -6.30 -4.28 4.00
CA CYS A 28 -6.11 -2.84 4.17
C CYS A 28 -5.03 -2.31 3.22
N CYS A 29 -4.85 -1.01 3.22
CA CYS A 29 -3.85 -0.38 2.36
C CYS A 29 -2.44 -0.71 2.82
N GLU A 30 -1.98 -1.90 2.48
CA GLU A 30 -0.64 -2.33 2.87
C GLU A 30 0.39 -1.25 2.49
N GLN A 31 1.61 -1.46 2.97
CA GLN A 31 2.70 -0.54 2.70
C GLN A 31 3.31 -0.79 1.32
N TYR A 32 2.56 -0.43 0.29
CA TYR A 32 3.01 -0.61 -1.08
C TYR A 32 4.36 0.08 -1.31
N CYS A 33 4.85 0.01 -2.55
CA CYS A 33 6.13 0.63 -2.89
C CYS A 33 5.93 2.08 -3.32
N CYS A 34 5.00 2.31 -4.24
CA CYS A 34 4.72 3.64 -4.73
C CYS A 34 3.33 4.10 -4.29
N PRO A 35 3.10 5.43 -4.34
CA PRO A 35 1.82 6.02 -3.94
C PRO A 35 0.71 5.70 -4.92
N THR A 36 1.08 5.19 -6.09
CA THR A 36 0.10 4.83 -7.12
C THR A 36 -0.45 3.43 -6.88
N ALA A 37 -0.06 2.83 -5.77
CA ALA A 37 -0.52 1.49 -5.43
C ALA A 37 -1.23 1.48 -4.08
N SER A 38 -0.79 2.34 -3.18
CA SER A 38 -1.38 2.43 -1.84
C SER A 38 -2.80 2.97 -1.92
N GLU A 39 -3.14 3.58 -3.04
CA GLU A 39 -4.48 4.12 -3.21
C GLU A 39 -4.89 4.03 -4.69
N LYS A 40 -4.54 2.92 -5.30
CA LYS A 40 -4.88 2.69 -6.69
C LYS A 40 -4.80 1.19 -7.00
N LYS A 41 -3.83 0.54 -6.38
CA LYS A 41 -3.64 -0.88 -6.57
C LYS A 41 -2.97 -1.12 -7.92
N CYS A 42 -2.18 -0.14 -8.35
CA CYS A 42 -1.49 -0.22 -9.62
C CYS A 42 -0.70 -1.53 -9.73
N CYS A 43 -0.13 -1.97 -8.61
CA CYS A 43 0.65 -3.20 -8.59
C CYS A 43 0.38 -3.98 -7.29
N LYS A 44 0.77 -5.24 -7.29
CA LYS A 44 0.57 -6.08 -6.11
C LYS A 44 1.39 -5.52 -4.95
N SER A 45 0.86 -5.70 -3.75
CA SER A 45 1.52 -5.22 -2.54
C SER A 45 2.54 -6.25 -2.04
N GLY A 46 3.59 -5.75 -1.39
CA GLY A 46 4.62 -6.62 -0.87
C GLY A 46 5.99 -6.30 -1.43
N CYS A 47 6.02 -5.51 -2.50
CA CYS A 47 7.28 -5.13 -3.14
C CYS A 47 8.25 -4.56 -2.11
N ALA A 48 7.93 -3.37 -1.58
CA ALA A 48 8.77 -2.73 -0.59
C ALA A 48 10.22 -2.66 -1.07
N GLY A 49 10.41 -2.56 -2.38
CA GLY A 49 11.74 -2.49 -2.94
C GLY A 49 11.86 -3.22 -4.26
N GLY A 50 11.50 -4.50 -4.26
CA GLY A 50 11.58 -5.30 -5.48
C GLY A 50 10.33 -5.16 -6.33
N CYS A 51 9.94 -3.93 -6.61
CA CYS A 51 8.76 -3.67 -7.42
C CYS A 51 8.90 -4.30 -8.80
N LYS A 52 9.87 -3.83 -9.57
CA LYS A 52 10.10 -4.36 -10.91
C LYS A 52 8.75 -4.55 -11.61
N CYS A 53 7.87 -3.58 -11.41
CA CYS A 53 6.54 -3.62 -12.01
C CYS A 53 6.41 -2.57 -13.11
N ALA A 54 6.51 -3.01 -14.36
CA ALA A 54 6.40 -2.12 -15.49
C ALA A 54 4.94 -1.81 -15.82
N ASN A 55 4.21 -1.29 -14.83
CA ASN A 55 2.80 -0.97 -15.01
C ASN A 55 2.40 0.17 -14.09
N CYS A 56 2.93 0.16 -12.86
CA CYS A 56 2.62 1.20 -11.89
C CYS A 56 3.44 2.46 -12.14
N GLU A 57 3.42 3.37 -11.18
CA GLU A 57 4.17 4.61 -11.32
C GLU A 57 5.63 4.31 -11.67
N CYS A 58 6.09 3.15 -11.24
CA CYS A 58 7.46 2.72 -11.50
C CYS A 58 7.77 2.75 -12.98
N ALA A 59 6.73 2.68 -13.80
CA ALA A 59 6.89 2.71 -15.25
C ALA A 59 5.62 3.20 -15.93
N GLN A 60 5.51 2.95 -17.23
CA GLN A 60 4.34 3.39 -18.00
C GLN A 60 3.05 2.96 -17.32
N ALA A 61 1.94 3.48 -17.80
CA ALA A 61 0.63 3.16 -17.24
C ALA A 61 0.19 1.74 -17.64
N ALA A 62 -0.26 0.97 -16.65
CA ALA A 62 -0.69 -0.40 -16.91
C ALA A 62 -1.18 -1.06 -15.62
N HIS A 63 -1.62 -2.32 -15.73
CA HIS A 63 -2.11 -3.05 -14.58
C HIS A 63 -3.16 -2.25 -13.82
CD CD B . 7.11 0.80 -7.17
CD CD C . 3.20 0.44 -8.03
CD CD D . 4.94 -3.39 -7.46
#